data_1VRH
#
_entry.id   1VRH
#
_cell.length_a   445.100
_cell.length_b   445.100
_cell.length_c   445.100
_cell.angle_alpha   90.00
_cell.angle_beta   90.00
_cell.angle_gamma   90.00
#
_symmetry.space_group_name_H-M   'P 21 3'
#
loop_
_entity.id
_entity.type
_entity.pdbx_description
1 polymer 'RHINOVIRUS 14'
2 polymer 'RHINOVIRUS 14'
3 polymer 'RHINOVIRUS 14'
4 polymer 'RHINOVIRUS 14'
5 non-polymer '2-[4-(2H-1,4-BENZOTHIAZINE-3-YL)-PIPERAZINE-1-LY]-1,3-THIAZOLE-4-CARBOXYLIC ACID ETHYLESTER'
#
loop_
_entity_poly.entity_id
_entity_poly.type
_entity_poly.pdbx_seq_one_letter_code
_entity_poly.pdbx_strand_id
1 'polypeptide(L)'
;GLGDELEEVIVEKTKQTVASISSGPKHTQKVPILTANETGATMPVLPSDSIETRTTYMHFNGSETDVECFLGRAACVHVT
EIQNKDATGIDNHREAKLFNDWKINLSSLVQLRKKLELFTYVRFDSEYTILATASQPDSANYSSNLVVQAMYVPPGAPNP
KEWDDYTWQSASNPSVFFKVGDTSRFSVPYVGLASAYNCFYDGYSHDDAETQYGITVLNHMGSMAFRIVNEHDEHKTLVK
IRVYHRAKHVEAWIPRAPRALPYTSIGRTNYPKNTEPVIKKRKGDIKSY
;
1
2 'polypeptide(L)'
;SPNVEACGYSDRVQQITLGNSTITTQEAANAVVCYAEWPEYLPDVDASDVNKTSKPDTSVCRFYTLDSKTWTTGSKGWCW
KLPDALKDMGVFGQNMFFHSLGRSGYTVHVQCNATKFHSGCLLVVVIPEHQLASHEGGNVSVKYTFTHPGERGIDLSSAN
EVGGPVKDVLYNMNGTLLGNLLIFPHQFINLRTNNTATIVIPYINSVPIDSMTRHNNVSLMVIPIAPLTVPTGATPSLPI
TVTIAPMCTEFSGIRSKSIVPQ
;
2
3 'polypeptide(L)'
;GLPTTTLPGSGQFLTTDDRQSPSALPNYEPTPRIHIPGKVHNLLEIIQVDTLIPMNNTHTKDEVNSYLIPLNANRQNEQV
FGTNLFIGDGVFKTTLLGEIVQYYTHWSGSLRFSLMYTGPALSSAKLILAYTPPGARGPQDRREAMLGTHVVWDIGLQST
IVMTIPWTSGVQFRYTDPDTYTSAGFLSCWYQTSLILPPETTGQVYLLSFISACPDFKLRLMKDTQTISQTVALTE
;
3
4 'polypeptide(L)' GAQVSTQKSGSHENQNILTNGSNQTFTVINYYKDAASTSSAGQSLSMDPSKFTEPVKDLMLKGAPALN 4
#
loop_
_chem_comp.id
_chem_comp.type
_chem_comp.name
_chem_comp.formula
SD8 non-polymer '2-[4-(2H-1,4-BENZOTHIAZINE-3-YL)-PIPERAZINE-1-LY]-1,3-THIAZOLE-4-CARBOXYLIC ACID ETHYLESTER' 'C18 H20 N4 O2 S2'
#
# COMPACT_ATOMS: atom_id res chain seq x y z
N THR A 17 0.81 21.79 22.34
CA THR A 17 -0.19 20.78 22.00
C THR A 17 -0.66 19.70 22.98
N VAL A 18 -2.00 19.56 23.18
CA VAL A 18 -2.26 18.54 24.23
C VAL A 18 -2.37 17.19 23.58
N ALA A 19 -1.76 16.20 24.23
CA ALA A 19 -1.84 14.81 23.81
C ALA A 19 -3.09 14.15 24.41
N SER A 20 -3.47 14.65 25.55
CA SER A 20 -4.70 14.11 26.18
C SER A 20 -5.26 15.26 26.98
N ILE A 21 -6.57 15.42 27.00
CA ILE A 21 -7.16 16.44 27.84
C ILE A 21 -7.64 15.74 29.14
N SER A 22 -8.06 16.57 30.06
CA SER A 22 -8.53 15.98 31.34
C SER A 22 -9.91 15.51 31.16
N SER A 23 -10.38 14.41 31.51
CA SER A 23 -11.87 14.13 31.26
C SER A 23 -12.36 13.34 32.40
N GLY A 24 -13.58 13.43 32.85
CA GLY A 24 -14.03 12.71 34.12
C GLY A 24 -15.11 11.76 33.83
N PRO A 25 -15.91 11.37 34.81
CA PRO A 25 -16.97 10.35 34.66
C PRO A 25 -17.92 10.80 33.57
N LYS A 26 -18.62 10.03 32.90
CA LYS A 26 -19.59 10.23 31.79
C LYS A 26 -20.86 9.40 32.04
N HIS A 27 -22.04 9.81 31.83
CA HIS A 27 -23.25 8.90 31.94
C HIS A 27 -24.15 9.50 30.84
N THR A 28 -23.91 9.35 29.60
CA THR A 28 -24.57 9.91 28.54
C THR A 28 -25.35 8.98 27.59
N GLN A 29 -25.96 9.67 26.69
CA GLN A 29 -26.85 9.20 25.66
C GLN A 29 -25.99 9.40 24.38
N LYS A 30 -24.82 9.89 24.60
CA LYS A 30 -23.91 10.23 23.45
C LYS A 30 -22.71 9.30 23.53
N VAL A 31 -22.70 8.19 22.83
CA VAL A 31 -21.66 7.16 22.95
C VAL A 31 -20.67 7.20 21.85
N PRO A 32 -19.54 7.82 21.96
CA PRO A 32 -18.55 7.90 20.87
C PRO A 32 -17.87 6.58 20.57
N ILE A 33 -17.98 5.56 21.39
CA ILE A 33 -17.24 4.33 21.13
C ILE A 33 -18.07 3.35 20.35
N LEU A 34 -19.32 3.55 20.02
CA LEU A 34 -20.09 2.54 19.24
C LEU A 34 -20.05 3.01 17.80
N THR A 35 -19.54 2.31 16.88
CA THR A 35 -19.59 2.83 15.48
C THR A 35 -20.01 1.80 14.53
N ALA A 36 -19.99 1.96 13.23
CA ALA A 36 -20.32 0.95 12.22
C ALA A 36 -19.16 0.85 11.23
N ASN A 37 -18.18 0.01 11.35
CA ASN A 37 -17.00 -0.06 10.52
C ASN A 37 -17.34 -0.41 9.10
N GLU A 38 -18.60 -0.77 8.86
CA GLU A 38 -18.95 -1.15 7.51
C GLU A 38 -18.87 0.03 6.57
N THR A 39 -18.83 1.23 7.14
CA THR A 39 -18.90 2.49 6.40
C THR A 39 -17.59 2.79 5.73
N GLY A 40 -16.49 2.24 6.23
CA GLY A 40 -15.19 2.46 5.63
C GLY A 40 -14.50 3.54 6.41
N ALA A 41 -15.05 4.10 7.43
CA ALA A 41 -14.30 5.18 8.14
C ALA A 41 -13.51 4.65 9.28
N THR A 42 -12.44 5.27 9.77
CA THR A 42 -11.86 4.94 11.10
C THR A 42 -12.18 6.16 11.97
N MET A 43 -13.21 6.04 12.73
CA MET A 43 -13.62 7.12 13.65
C MET A 43 -12.54 7.46 14.63
N PRO A 44 -12.26 8.74 14.77
CA PRO A 44 -11.16 9.25 15.63
C PRO A 44 -11.36 9.17 17.11
N VAL A 45 -11.46 7.99 17.65
CA VAL A 45 -11.69 7.78 19.10
C VAL A 45 -10.37 7.94 19.84
N LEU A 46 -10.47 8.50 21.04
CA LEU A 46 -9.35 8.79 21.95
C LEU A 46 -9.51 8.19 23.33
N PRO A 47 -8.39 8.05 24.04
CA PRO A 47 -8.46 7.51 25.42
C PRO A 47 -9.49 8.21 26.21
N SER A 48 -9.63 9.51 26.03
CA SER A 48 -10.58 10.28 26.87
C SER A 48 -11.97 10.01 26.41
N ASP A 49 -12.34 9.02 25.71
CA ASP A 49 -13.77 8.87 25.29
C ASP A 49 -14.30 7.70 26.12
N SER A 50 -13.31 7.00 26.68
CA SER A 50 -13.69 5.79 27.38
C SER A 50 -12.98 5.63 28.69
N ILE A 51 -12.04 6.34 29.17
CA ILE A 51 -11.54 6.29 30.54
C ILE A 51 -11.48 7.72 31.06
N GLU A 52 -11.20 7.96 32.30
CA GLU A 52 -11.02 9.35 32.83
C GLU A 52 -9.57 9.72 32.63
N THR A 53 -9.16 10.75 31.94
CA THR A 53 -7.77 11.13 31.68
C THR A 53 -7.42 12.42 32.38
N ARG A 54 -6.15 12.74 32.32
CA ARG A 54 -5.53 13.94 32.95
C ARG A 54 -4.87 14.69 31.82
N THR A 55 -4.59 15.94 31.88
CA THR A 55 -3.88 16.58 30.75
C THR A 55 -2.44 16.14 30.67
N THR A 56 -2.00 16.00 29.43
CA THR A 56 -0.61 15.70 29.08
C THR A 56 -0.36 16.39 27.72
N TYR A 57 0.88 16.82 27.51
CA TYR A 57 1.26 17.43 26.20
C TYR A 57 2.06 16.51 25.36
N MET A 58 2.06 16.81 24.08
CA MET A 58 2.70 15.92 23.07
C MET A 58 4.19 16.07 23.14
N HIS A 59 4.72 17.25 23.23
CA HIS A 59 6.20 17.32 23.20
C HIS A 59 6.72 16.67 21.93
N PHE A 60 6.08 16.64 20.81
CA PHE A 60 6.65 15.89 19.63
C PHE A 60 6.04 16.38 18.36
N ASN A 61 6.60 16.43 17.19
CA ASN A 61 6.03 16.92 16.00
C ASN A 61 5.82 15.93 14.95
N GLY A 62 6.49 14.82 14.97
CA GLY A 62 6.27 13.84 13.86
C GLY A 62 7.15 14.22 12.69
N SER A 63 8.26 14.85 12.91
CA SER A 63 9.26 15.24 12.00
C SER A 63 9.90 14.13 11.14
N GLU A 64 10.17 13.02 11.84
CA GLU A 64 11.02 11.91 11.27
C GLU A 64 10.25 10.84 10.58
N THR A 65 8.97 11.13 10.36
CA THR A 65 8.04 10.24 9.72
C THR A 65 7.52 11.01 8.48
N ASP A 66 8.05 12.18 8.26
CA ASP A 66 7.69 12.91 7.02
C ASP A 66 8.11 12.08 5.84
N VAL A 67 7.42 11.97 4.75
CA VAL A 67 7.92 11.12 3.65
C VAL A 67 9.24 11.66 3.15
N GLU A 68 9.54 12.93 3.34
CA GLU A 68 10.85 13.37 2.75
C GLU A 68 11.93 12.69 3.55
N CYS A 69 11.71 12.51 4.80
CA CYS A 69 12.71 11.94 5.71
C CYS A 69 12.80 10.44 5.48
N PHE A 70 11.62 9.85 5.30
CA PHE A 70 11.52 8.37 5.16
C PHE A 70 12.28 7.92 3.91
N LEU A 71 12.17 8.63 2.79
CA LEU A 71 12.81 8.19 1.56
C LEU A 71 14.10 8.98 1.36
N GLY A 72 14.41 9.88 2.26
CA GLY A 72 15.56 10.75 2.02
C GLY A 72 16.88 10.30 2.48
N ARG A 73 17.21 9.08 2.74
CA ARG A 73 18.65 8.73 3.15
C ARG A 73 19.17 7.88 2.03
N ALA A 74 20.43 7.85 1.79
CA ALA A 74 21.03 7.00 0.72
C ALA A 74 20.79 5.53 0.96
N ALA A 75 20.39 4.74 0.02
CA ALA A 75 20.23 3.27 0.12
C ALA A 75 21.08 2.65 -0.98
N CYS A 76 21.65 1.48 -0.75
CA CYS A 76 22.47 0.84 -1.84
C CYS A 76 21.50 0.34 -2.90
N VAL A 77 21.67 0.71 -4.11
CA VAL A 77 20.67 0.28 -5.10
C VAL A 77 21.34 -0.66 -6.09
N HIS A 78 22.64 -0.85 -6.08
CA HIS A 78 23.26 -1.67 -7.16
C HIS A 78 24.71 -1.94 -6.86
N VAL A 79 25.13 -3.19 -7.07
CA VAL A 79 26.59 -3.46 -6.92
C VAL A 79 27.04 -4.10 -8.22
N THR A 80 27.94 -3.63 -8.93
CA THR A 80 28.42 -4.24 -10.19
C THR A 80 29.91 -4.39 -10.06
N GLU A 81 30.53 -4.89 -11.10
CA GLU A 81 32.01 -5.01 -11.09
C GLU A 81 32.59 -5.06 -12.52
N ILE A 82 33.72 -4.43 -12.63
CA ILE A 82 34.50 -4.31 -13.86
C ILE A 82 35.94 -4.64 -13.53
N GLN A 83 36.76 -5.07 -14.50
CA GLN A 83 38.20 -5.26 -14.19
C GLN A 83 39.14 -4.56 -15.18
N ASN A 84 40.32 -4.29 -14.69
CA ASN A 84 41.34 -3.64 -15.56
C ASN A 84 42.23 -4.83 -15.90
N LYS A 85 42.33 -5.11 -17.16
CA LYS A 85 43.25 -6.26 -17.56
C LYS A 85 43.57 -6.07 -19.01
N ASP A 86 44.56 -6.76 -19.54
CA ASP A 86 44.91 -6.62 -20.97
C ASP A 86 43.78 -7.12 -21.89
N ALA A 87 43.27 -6.19 -22.74
CA ALA A 87 42.10 -6.58 -23.55
C ALA A 87 42.55 -7.30 -24.81
N THR A 88 43.86 -7.33 -24.91
CA THR A 88 44.46 -8.03 -26.07
C THR A 88 43.87 -9.43 -26.19
N GLY A 89 43.32 -9.61 -27.43
CA GLY A 89 42.58 -10.85 -27.77
C GLY A 89 41.26 -11.06 -27.08
N ILE A 90 40.58 -9.96 -26.64
CA ILE A 90 39.28 -10.27 -25.91
C ILE A 90 38.25 -9.99 -26.98
N ASP A 91 37.41 -11.00 -27.15
CA ASP A 91 36.45 -10.70 -28.33
C ASP A 91 35.26 -9.99 -27.86
N ASN A 92 35.11 -9.85 -26.53
CA ASN A 92 33.81 -9.28 -26.04
C ASN A 92 34.06 -8.62 -24.69
N HIS A 93 34.37 -7.33 -24.83
CA HIS A 93 34.80 -6.57 -23.66
C HIS A 93 33.72 -6.63 -22.59
N ARG A 94 32.52 -6.53 -23.16
CA ARG A 94 31.36 -6.42 -22.21
C ARG A 94 31.37 -7.69 -21.39
N GLU A 95 31.59 -8.77 -22.14
CA GLU A 95 31.63 -10.05 -21.48
C GLU A 95 32.79 -10.28 -20.57
N ALA A 96 33.91 -9.62 -20.72
CA ALA A 96 35.10 -9.80 -19.85
C ALA A 96 35.20 -8.87 -18.63
N LYS A 97 34.21 -8.08 -18.43
CA LYS A 97 34.24 -7.05 -17.39
C LYS A 97 35.14 -5.89 -17.74
N LEU A 98 35.61 -5.86 -18.96
CA LEU A 98 36.45 -4.76 -19.37
C LEU A 98 35.65 -3.50 -19.12
N PHE A 99 34.36 -3.75 -18.97
CA PHE A 99 33.35 -2.74 -18.67
C PHE A 99 32.02 -3.45 -18.45
N ASN A 100 31.11 -2.70 -17.87
CA ASN A 100 29.79 -3.20 -17.50
C ASN A 100 28.78 -2.06 -17.52
N ASP A 101 27.52 -2.48 -17.58
CA ASP A 101 26.38 -1.55 -17.58
C ASP A 101 25.56 -1.67 -16.29
N TRP A 102 24.40 -1.01 -16.34
CA TRP A 102 23.38 -1.03 -15.26
C TRP A 102 22.06 -0.42 -15.76
N LYS A 103 21.21 -1.31 -16.17
CA LYS A 103 19.86 -0.92 -16.62
C LYS A 103 19.04 -0.38 -15.48
N ILE A 104 19.42 0.81 -15.17
CA ILE A 104 18.86 1.61 -14.11
C ILE A 104 17.44 1.20 -13.82
N ASN A 105 17.28 1.06 -12.54
CA ASN A 105 16.06 0.70 -11.86
C ASN A 105 16.36 0.89 -10.39
N LEU A 106 15.35 0.86 -9.57
CA LEU A 106 15.57 1.04 -8.14
C LEU A 106 15.11 -0.23 -7.34
N SER A 107 14.33 -1.14 -7.99
CA SER A 107 13.66 -2.34 -7.34
C SER A 107 14.42 -3.70 -7.35
N SER A 108 15.73 -3.66 -7.47
CA SER A 108 16.57 -4.88 -7.52
C SER A 108 17.08 -5.26 -6.15
N LEU A 109 17.50 -4.36 -5.31
CA LEU A 109 17.84 -4.73 -3.89
C LEU A 109 16.58 -4.40 -3.08
N VAL A 110 16.03 -5.31 -2.31
CA VAL A 110 14.73 -5.14 -1.71
C VAL A 110 14.61 -4.16 -0.61
N GLN A 111 15.59 -3.78 0.13
CA GLN A 111 15.37 -2.83 1.29
C GLN A 111 14.67 -1.58 0.83
N LEU A 112 15.29 -0.71 0.03
CA LEU A 112 14.62 0.47 -0.50
C LEU A 112 13.34 0.11 -1.24
N ARG A 113 13.28 -0.96 -1.99
CA ARG A 113 12.06 -1.28 -2.77
C ARG A 113 10.84 -1.38 -1.93
N LYS A 114 10.87 -2.09 -0.82
CA LYS A 114 9.65 -2.23 0.01
C LYS A 114 9.21 -0.86 0.47
N LYS A 115 10.12 0.03 0.84
CA LYS A 115 9.85 1.39 1.29
C LYS A 115 9.13 2.16 0.19
N LEU A 116 9.63 2.16 -1.06
CA LEU A 116 8.96 2.90 -2.10
C LEU A 116 7.59 2.34 -2.41
N GLU A 117 7.43 1.03 -2.27
CA GLU A 117 6.15 0.44 -2.81
C GLU A 117 5.05 0.53 -1.79
N LEU A 118 5.24 1.36 -0.81
CA LEU A 118 4.21 1.70 0.21
C LEU A 118 3.26 2.74 -0.42
N PHE A 119 3.63 3.33 -1.53
CA PHE A 119 3.02 4.33 -2.35
C PHE A 119 2.82 3.82 -3.79
N THR A 120 1.85 4.35 -4.52
CA THR A 120 1.60 3.97 -5.89
C THR A 120 2.36 4.79 -6.88
N TYR A 121 2.41 6.10 -6.76
CA TYR A 121 3.13 7.05 -7.64
C TYR A 121 4.11 7.83 -6.73
N VAL A 122 5.24 8.13 -7.25
CA VAL A 122 6.29 8.80 -6.32
C VAL A 122 6.97 9.75 -7.20
N ARG A 123 7.38 10.90 -6.77
CA ARG A 123 8.10 11.89 -7.62
C ARG A 123 9.23 12.45 -6.79
N PHE A 124 10.46 12.50 -7.28
CA PHE A 124 11.58 13.00 -6.49
C PHE A 124 12.79 13.25 -7.37
N ASP A 125 13.75 14.05 -6.93
CA ASP A 125 15.06 14.19 -7.59
C ASP A 125 15.96 13.11 -6.99
N SER A 126 16.97 12.67 -7.64
CA SER A 126 17.83 11.63 -7.09
C SER A 126 19.18 12.19 -6.80
N GLU A 127 19.75 11.78 -5.73
CA GLU A 127 21.17 12.12 -5.53
C GLU A 127 21.90 10.82 -5.42
N TYR A 128 22.91 10.65 -6.20
CA TYR A 128 23.65 9.40 -6.15
C TYR A 128 25.03 9.58 -5.65
N THR A 129 25.16 8.17 -5.02
CA THR A 129 26.48 8.46 -4.56
C THR A 129 27.38 7.41 -5.14
N ILE A 130 28.50 7.12 -5.67
CA ILE A 130 29.06 5.87 -6.26
C ILE A 130 30.35 5.55 -5.54
N LEU A 131 30.45 4.52 -4.80
CA LEU A 131 31.73 4.14 -4.12
C LEU A 131 32.37 3.06 -4.98
N ALA A 132 33.62 3.06 -5.23
CA ALA A 132 34.37 2.09 -6.05
C ALA A 132 35.52 1.56 -5.25
N THR A 133 35.69 0.33 -4.97
CA THR A 133 36.92 -0.10 -4.16
C THR A 133 37.64 -1.10 -4.98
N ALA A 134 38.95 -1.28 -4.81
CA ALA A 134 39.63 -2.27 -5.71
C ALA A 134 40.07 -3.45 -4.86
N SER A 135 40.17 -4.56 -5.50
CA SER A 135 40.59 -5.85 -4.99
C SER A 135 41.68 -6.40 -5.95
N GLN A 136 42.60 -7.07 -5.34
CA GLN A 136 43.71 -7.70 -6.16
C GLN A 136 43.89 -9.11 -5.65
N PRO A 137 42.91 -9.96 -5.98
CA PRO A 137 42.92 -11.33 -5.46
C PRO A 137 44.15 -12.07 -5.87
N ASP A 138 44.93 -11.75 -6.86
CA ASP A 138 46.09 -12.69 -7.01
C ASP A 138 47.38 -11.95 -7.25
N SER A 139 48.30 -12.18 -6.38
CA SER A 139 49.65 -11.68 -6.50
C SER A 139 49.87 -10.45 -7.32
N ALA A 140 50.05 -9.31 -6.64
CA ALA A 140 50.39 -8.06 -7.41
C ALA A 140 51.53 -7.39 -6.66
N ASN A 141 52.35 -6.64 -7.33
CA ASN A 141 53.46 -5.98 -6.59
C ASN A 141 52.94 -4.82 -5.77
N TYR A 142 51.85 -4.30 -6.33
CA TYR A 142 51.23 -3.13 -5.81
C TYR A 142 49.77 -2.99 -6.21
N SER A 143 49.23 -1.91 -5.64
CA SER A 143 47.84 -1.47 -5.86
C SER A 143 47.81 -0.38 -6.88
N SER A 144 47.21 -0.53 -8.02
CA SER A 144 47.48 0.67 -9.01
C SER A 144 46.54 1.77 -8.76
N ASN A 145 46.67 2.98 -9.33
CA ASN A 145 45.54 3.92 -9.10
C ASN A 145 44.84 4.24 -10.40
N LEU A 146 43.66 3.65 -10.39
CA LEU A 146 42.67 3.62 -11.41
C LEU A 146 41.66 4.77 -11.26
N VAL A 147 41.25 5.28 -12.38
CA VAL A 147 40.20 6.29 -12.47
C VAL A 147 39.01 5.61 -13.09
N VAL A 148 37.83 5.60 -12.53
CA VAL A 148 36.61 5.03 -13.14
C VAL A 148 35.92 6.06 -14.01
N GLN A 149 35.21 5.78 -15.00
CA GLN A 149 34.43 6.80 -15.77
C GLN A 149 33.01 6.24 -15.96
N ALA A 150 32.10 6.59 -15.10
CA ALA A 150 30.69 6.15 -15.24
C ALA A 150 29.94 7.16 -16.18
N MET A 151 29.47 6.63 -17.33
CA MET A 151 28.77 7.40 -18.42
C MET A 151 27.21 7.23 -18.32
N TYR A 152 26.45 8.33 -18.13
CA TYR A 152 24.95 8.22 -18.16
C TYR A 152 24.50 8.12 -19.62
N VAL A 153 23.98 6.97 -19.98
CA VAL A 153 23.54 6.68 -21.37
C VAL A 153 22.18 6.18 -21.58
N PRO A 154 21.60 7.06 -21.91
CA PRO A 154 20.15 7.12 -22.11
C PRO A 154 19.63 6.36 -23.29
N PRO A 155 18.30 6.09 -23.30
CA PRO A 155 17.65 5.36 -24.37
C PRO A 155 17.79 6.05 -25.72
N GLY A 156 18.36 5.32 -26.67
CA GLY A 156 18.51 5.77 -28.08
C GLY A 156 19.94 6.27 -28.41
N ALA A 157 20.87 6.01 -27.51
CA ALA A 157 22.26 6.46 -27.68
C ALA A 157 23.21 5.29 -27.87
N PRO A 158 24.41 5.57 -28.43
CA PRO A 158 25.38 4.54 -28.69
C PRO A 158 25.76 3.85 -27.44
N ASN A 159 25.52 2.57 -27.54
CA ASN A 159 25.89 1.62 -26.53
C ASN A 159 27.38 1.42 -26.63
N PRO A 160 28.15 1.55 -25.57
CA PRO A 160 29.56 1.30 -25.69
C PRO A 160 29.71 -0.14 -26.14
N LYS A 161 30.70 -0.39 -26.98
CA LYS A 161 30.96 -1.77 -27.46
C LYS A 161 32.27 -2.23 -26.95
N GLU A 162 33.28 -1.50 -27.03
CA GLU A 162 34.56 -1.86 -26.41
C GLU A 162 34.82 -0.96 -25.27
N TRP A 163 35.84 -1.22 -24.48
CA TRP A 163 36.07 -0.35 -23.31
C TRP A 163 36.69 0.92 -23.74
N ASP A 164 36.99 1.04 -25.04
CA ASP A 164 37.50 2.38 -25.45
C ASP A 164 36.98 2.95 -26.74
N ASP A 165 35.76 2.68 -27.18
CA ASP A 165 34.91 3.14 -28.21
C ASP A 165 34.86 4.67 -28.30
N TYR A 166 34.25 5.09 -29.41
CA TYR A 166 34.08 6.59 -29.58
C TYR A 166 33.06 7.01 -28.56
N THR A 167 32.16 6.09 -28.19
CA THR A 167 31.10 6.36 -27.21
C THR A 167 31.58 7.06 -25.95
N TRP A 168 32.76 6.61 -25.50
CA TRP A 168 33.29 7.14 -24.23
C TRP A 168 33.68 8.58 -24.34
N GLN A 169 33.69 9.12 -25.52
CA GLN A 169 34.02 10.56 -25.75
C GLN A 169 32.98 11.38 -24.97
N SER A 170 31.80 10.81 -25.04
CA SER A 170 30.63 11.33 -24.27
C SER A 170 30.55 12.82 -24.41
N ALA A 171 30.44 13.30 -25.62
CA ALA A 171 30.45 14.74 -25.89
C ALA A 171 29.13 15.38 -25.55
N SER A 172 28.08 14.59 -25.56
CA SER A 172 26.78 15.18 -25.22
C SER A 172 26.19 14.51 -24.03
N ASN A 173 26.72 13.56 -23.43
CA ASN A 173 26.15 12.66 -22.37
C ASN A 173 26.86 12.89 -21.10
N PRO A 174 26.21 13.17 -20.00
CA PRO A 174 26.95 13.55 -18.76
C PRO A 174 27.83 12.44 -18.32
N SER A 175 29.10 12.71 -18.08
CA SER A 175 29.90 11.53 -17.44
C SER A 175 30.74 12.07 -16.32
N VAL A 176 31.06 11.33 -15.26
CA VAL A 176 31.85 11.72 -14.14
C VAL A 176 33.15 10.82 -14.12
N PHE A 177 34.30 11.33 -13.87
CA PHE A 177 35.55 10.54 -13.73
C PHE A 177 35.97 10.64 -12.27
N PHE A 178 36.10 9.65 -11.51
CA PHE A 178 36.59 9.73 -10.10
C PHE A 178 37.60 8.64 -9.87
N LYS A 179 38.28 8.59 -8.76
CA LYS A 179 39.31 7.56 -8.50
C LYS A 179 38.71 6.41 -7.71
N VAL A 180 39.20 5.23 -8.05
CA VAL A 180 38.79 4.02 -7.24
C VAL A 180 39.09 4.30 -5.78
N GLY A 181 38.25 4.01 -4.82
CA GLY A 181 38.60 4.26 -3.38
C GLY A 181 37.91 5.53 -2.94
N ASP A 182 37.71 6.40 -3.91
CA ASP A 182 36.92 7.60 -3.68
C ASP A 182 35.49 7.26 -4.11
N THR A 183 34.72 8.27 -4.02
CA THR A 183 33.30 8.39 -4.22
C THR A 183 32.94 9.47 -5.16
N SER A 184 31.91 9.28 -5.89
CA SER A 184 31.50 10.37 -6.88
C SER A 184 30.11 10.74 -6.48
N ARG A 185 29.67 11.93 -6.66
CA ARG A 185 28.34 12.32 -6.21
C ARG A 185 27.77 13.36 -7.08
N PHE A 186 26.61 13.23 -7.54
CA PHE A 186 26.01 14.25 -8.46
C PHE A 186 24.53 13.99 -8.27
N SER A 187 23.69 14.86 -8.69
CA SER A 187 22.26 14.61 -8.53
C SER A 187 21.58 14.88 -9.86
N VAL A 188 20.62 14.05 -10.14
CA VAL A 188 19.90 14.12 -11.39
C VAL A 188 18.48 14.59 -11.17
N PRO A 189 17.99 15.54 -11.98
CA PRO A 189 16.65 16.02 -11.81
C PRO A 189 15.73 14.89 -12.00
N TYR A 190 14.50 15.14 -11.69
CA TYR A 190 13.47 14.16 -11.88
C TYR A 190 13.28 14.02 -13.39
N VAL A 191 13.37 12.82 -13.90
CA VAL A 191 13.26 12.71 -15.35
C VAL A 191 12.20 11.73 -15.82
N GLY A 192 11.22 11.45 -15.02
CA GLY A 192 10.17 10.57 -15.51
C GLY A 192 9.46 11.27 -16.68
N LEU A 193 8.86 10.49 -17.56
CA LEU A 193 8.08 11.04 -18.68
C LEU A 193 6.74 11.58 -18.16
N ALA A 194 6.12 10.99 -17.18
CA ALA A 194 4.77 11.47 -16.71
C ALA A 194 4.96 12.44 -15.56
N SER A 195 3.93 12.63 -14.76
CA SER A 195 3.97 13.63 -13.69
C SER A 195 4.51 13.10 -12.42
N ALA A 196 4.57 11.83 -12.44
CA ALA A 196 5.06 11.09 -11.32
C ALA A 196 5.48 9.72 -11.80
N TYR A 197 6.69 9.34 -11.34
CA TYR A 197 7.24 7.98 -11.60
C TYR A 197 6.14 7.02 -11.10
N ASN A 198 5.78 6.08 -11.94
CA ASN A 198 4.77 5.08 -11.59
C ASN A 198 5.44 3.92 -10.80
N CYS A 199 4.99 3.36 -9.39
CA CYS A 199 5.47 2.21 -8.54
C CYS A 199 4.73 0.93 -9.03
N PHE A 200 3.61 1.06 -9.62
CA PHE A 200 2.84 -0.07 -10.09
C PHE A 200 2.16 0.38 -11.38
N TYR A 201 1.83 -0.57 -12.22
CA TYR A 201 1.18 -0.18 -13.51
C TYR A 201 0.34 -1.35 -13.97
N ASP A 202 -0.98 -1.28 -13.92
CA ASP A 202 -1.70 -2.55 -14.33
C ASP A 202 -2.01 -2.30 -15.77
N GLY A 203 -0.94 -2.37 -16.59
CA GLY A 203 -1.21 -2.15 -18.07
C GLY A 203 -0.12 -2.82 -18.91
N TYR A 204 -0.16 -2.58 -20.19
CA TYR A 204 0.72 -3.05 -21.23
C TYR A 204 1.23 -1.87 -22.04
N SER A 205 2.17 -2.05 -22.96
CA SER A 205 2.69 -0.94 -23.71
C SER A 205 1.78 -0.74 -24.93
N HIS A 206 1.06 -1.79 -25.19
CA HIS A 206 0.05 -1.68 -26.29
C HIS A 206 -0.82 -2.90 -26.19
N ASP A 207 -1.88 -2.92 -26.96
CA ASP A 207 -2.81 -4.06 -26.83
C ASP A 207 -2.24 -5.19 -27.67
N ASP A 208 -1.19 -5.77 -27.27
CA ASP A 208 -0.57 -6.92 -27.98
C ASP A 208 -0.98 -8.16 -27.20
N ALA A 209 -1.01 -9.30 -27.82
CA ALA A 209 -1.47 -10.47 -27.07
C ALA A 209 -0.33 -11.05 -26.24
N GLU A 210 0.85 -10.73 -26.55
CA GLU A 210 1.96 -11.41 -25.85
C GLU A 210 2.86 -10.34 -25.28
N THR A 211 2.45 -9.05 -25.26
CA THR A 211 3.50 -8.07 -24.73
C THR A 211 3.66 -8.23 -23.25
N GLN A 212 4.76 -7.77 -22.67
CA GLN A 212 5.04 -7.98 -21.21
C GLN A 212 3.98 -7.18 -20.39
N TYR A 213 4.11 -7.23 -19.07
CA TYR A 213 3.17 -6.53 -18.14
C TYR A 213 3.96 -5.96 -17.02
N GLY A 214 3.38 -4.98 -16.46
CA GLY A 214 3.97 -4.32 -15.35
C GLY A 214 4.60 -3.02 -15.77
N ILE A 215 5.52 -2.69 -14.93
CA ILE A 215 6.21 -1.42 -14.92
C ILE A 215 7.46 -1.40 -15.85
N THR A 216 8.06 -2.55 -16.09
CA THR A 216 9.26 -2.65 -16.97
C THR A 216 8.97 -2.06 -18.36
N VAL A 217 7.69 -1.81 -18.59
CA VAL A 217 7.21 -1.23 -19.85
C VAL A 217 7.33 0.29 -19.80
N LEU A 218 6.85 0.80 -18.69
CA LEU A 218 6.86 2.24 -18.41
C LEU A 218 8.29 2.74 -18.28
N ASN A 219 8.56 3.11 -17.06
CA ASN A 219 9.85 3.65 -16.64
C ASN A 219 11.00 2.85 -17.23
N HIS A 220 11.59 3.59 -18.12
CA HIS A 220 12.83 3.32 -18.82
C HIS A 220 13.70 4.49 -18.43
N MET A 221 14.89 4.26 -18.00
CA MET A 221 15.73 5.40 -17.60
C MET A 221 17.12 5.33 -18.27
N GLY A 222 17.42 4.19 -18.85
CA GLY A 222 18.72 3.98 -19.56
C GLY A 222 19.78 3.39 -18.60
N SER A 223 20.86 2.96 -19.21
CA SER A 223 22.02 2.31 -18.54
C SER A 223 22.89 3.26 -17.73
N MET A 224 24.09 2.78 -17.60
CA MET A 224 25.24 3.42 -16.97
C MET A 224 26.38 2.48 -17.14
N ALA A 225 27.16 2.93 -18.04
CA ALA A 225 28.33 2.28 -18.41
C ALA A 225 29.44 2.80 -17.54
N PHE A 226 30.05 1.86 -16.90
CA PHE A 226 31.20 2.11 -16.07
C PHE A 226 32.40 1.49 -16.76
N ARG A 227 33.54 2.06 -16.66
CA ARG A 227 34.77 1.45 -17.20
C ARG A 227 35.94 2.04 -16.44
N ILE A 228 37.10 1.45 -16.53
CA ILE A 228 38.36 2.04 -15.95
C ILE A 228 39.04 2.79 -17.06
N VAL A 229 39.64 3.93 -16.73
CA VAL A 229 40.18 4.70 -17.91
C VAL A 229 41.56 4.15 -18.12
N ASN A 230 42.22 3.66 -17.05
CA ASN A 230 43.60 3.21 -17.13
C ASN A 230 43.79 2.03 -18.10
N GLU A 231 44.97 2.05 -18.74
CA GLU A 231 45.38 0.86 -19.52
C GLU A 231 45.80 -0.15 -18.43
N HIS A 232 46.20 -1.34 -18.89
CA HIS A 232 46.55 -2.41 -17.99
C HIS A 232 48.01 -2.34 -17.54
N ASP A 233 48.10 -2.76 -16.24
CA ASP A 233 49.37 -3.00 -15.59
C ASP A 233 49.62 -4.53 -15.78
N GLU A 234 50.72 -4.93 -15.13
CA GLU A 234 51.06 -6.38 -15.23
C GLU A 234 50.06 -7.16 -14.48
N HIS A 235 49.53 -6.80 -13.32
CA HIS A 235 48.54 -7.72 -12.67
C HIS A 235 47.13 -7.31 -13.09
N LYS A 236 46.18 -7.98 -12.53
CA LYS A 236 44.74 -7.71 -12.87
C LYS A 236 44.13 -7.01 -11.69
N THR A 237 43.16 -6.18 -11.83
CA THR A 237 42.61 -5.46 -10.67
C THR A 237 41.08 -5.54 -10.79
N LEU A 238 40.46 -5.99 -9.73
CA LEU A 238 38.97 -6.06 -9.72
C LEU A 238 38.48 -4.79 -9.06
N VAL A 239 37.56 -4.13 -9.74
CA VAL A 239 36.97 -2.88 -9.15
C VAL A 239 35.49 -3.18 -9.00
N LYS A 240 34.97 -2.96 -7.85
CA LYS A 240 33.52 -3.32 -7.60
C LYS A 240 32.83 -1.98 -7.32
N ILE A 241 31.80 -1.72 -8.09
CA ILE A 241 31.02 -0.46 -8.00
C ILE A 241 29.75 -0.64 -7.22
N ARG A 242 29.56 0.26 -6.23
CA ARG A 242 28.30 0.32 -5.45
C ARG A 242 27.59 1.68 -5.68
N VAL A 243 26.39 1.65 -6.20
CA VAL A 243 25.61 2.86 -6.44
C VAL A 243 24.64 3.08 -5.31
N TYR A 244 24.64 4.21 -4.65
CA TYR A 244 23.68 4.56 -3.58
C TYR A 244 22.69 5.58 -4.10
N HIS A 245 21.44 5.54 -3.73
CA HIS A 245 20.45 6.51 -4.23
C HIS A 245 19.70 7.14 -3.07
N ARG A 246 19.56 8.43 -3.03
CA ARG A 246 18.84 9.21 -2.02
C ARG A 246 17.77 10.05 -2.71
N ALA A 247 16.56 9.91 -2.34
CA ALA A 247 15.48 10.73 -2.90
C ALA A 247 15.51 12.10 -2.20
N LYS A 248 15.41 13.18 -2.98
CA LYS A 248 15.29 14.54 -2.37
C LYS A 248 14.13 15.19 -3.11
N HIS A 249 13.35 15.96 -2.35
CA HIS A 249 12.15 16.65 -2.85
C HIS A 249 11.06 15.67 -3.15
N VAL A 250 10.73 14.81 -2.21
CA VAL A 250 9.80 13.70 -2.40
C VAL A 250 8.35 14.00 -2.45
N GLU A 251 7.62 13.37 -3.28
CA GLU A 251 6.10 13.60 -3.28
C GLU A 251 5.49 12.24 -3.50
N ALA A 252 4.59 11.75 -2.68
CA ALA A 252 4.11 10.37 -2.83
C ALA A 252 2.63 10.31 -2.85
N TRP A 253 1.92 9.58 -3.65
CA TRP A 253 0.46 9.53 -3.63
C TRP A 253 -0.03 8.10 -3.46
N ILE A 254 -1.18 7.94 -2.89
CA ILE A 254 -1.95 6.73 -2.72
C ILE A 254 -1.28 5.62 -2.00
N PRO A 255 -1.37 5.55 -0.67
CA PRO A 255 -0.70 4.48 0.14
C PRO A 255 -1.23 3.13 -0.20
N ARG A 256 -0.47 2.07 -0.10
CA ARG A 256 -0.97 0.69 -0.38
C ARG A 256 -0.53 -0.23 0.72
N ALA A 257 -1.02 -1.43 0.76
CA ALA A 257 -0.67 -2.47 1.74
C ALA A 257 0.81 -2.82 1.62
N PRO A 258 1.58 -3.03 2.70
CA PRO A 258 3.02 -3.28 2.59
C PRO A 258 3.28 -4.60 1.94
N ARG A 259 4.44 -4.86 1.35
CA ARG A 259 4.80 -6.11 0.77
C ARG A 259 4.91 -7.24 1.79
N ALA A 260 4.24 -8.33 1.63
CA ALA A 260 4.30 -9.41 2.61
C ALA A 260 5.19 -10.51 2.10
N LEU A 261 5.04 -11.02 0.89
CA LEU A 261 5.88 -12.15 0.40
C LEU A 261 7.15 -11.58 -0.22
N PRO A 262 8.10 -12.47 -0.44
CA PRO A 262 9.41 -12.13 -1.01
C PRO A 262 9.19 -11.75 -2.45
N TYR A 263 10.17 -11.08 -3.00
CA TYR A 263 10.19 -10.60 -4.38
C TYR A 263 10.94 -11.62 -5.27
N THR A 264 10.62 -11.67 -6.54
CA THR A 264 11.25 -12.62 -7.44
C THR A 264 11.82 -11.89 -8.60
N SER A 265 11.23 -10.79 -9.01
CA SER A 265 11.66 -10.09 -10.27
C SER A 265 11.45 -8.56 -10.15
N ILE A 266 12.48 -7.85 -10.54
CA ILE A 266 12.51 -6.39 -10.77
C ILE A 266 11.30 -5.90 -11.61
N GLY A 267 10.17 -5.52 -11.09
CA GLY A 267 9.10 -4.88 -11.94
C GLY A 267 7.91 -5.75 -12.01
N ARG A 268 7.94 -6.93 -11.40
CA ARG A 268 6.59 -7.62 -11.38
C ARG A 268 6.35 -7.89 -9.92
N THR A 269 5.11 -8.06 -9.59
CA THR A 269 4.59 -8.25 -8.26
C THR A 269 4.65 -9.66 -7.75
N ASN A 270 5.01 -10.58 -8.69
CA ASN A 270 5.13 -11.96 -8.49
C ASN A 270 5.97 -12.35 -7.19
N TYR A 271 5.43 -13.31 -6.54
CA TYR A 271 6.01 -13.94 -5.37
C TYR A 271 6.30 -15.41 -5.72
N PRO A 272 7.23 -16.01 -5.00
CA PRO A 272 7.64 -17.37 -5.21
C PRO A 272 6.65 -18.43 -4.83
N LYS A 273 6.59 -19.59 -5.53
CA LYS A 273 5.63 -20.67 -5.18
C LYS A 273 6.01 -21.44 -3.97
N ASN A 274 5.04 -22.00 -3.29
CA ASN A 274 5.47 -22.72 -2.02
C ASN A 274 6.52 -21.69 -1.42
N THR A 275 5.82 -20.74 -0.86
CA THR A 275 6.49 -19.65 -0.09
C THR A 275 6.25 -20.02 1.34
N GLU A 276 6.57 -19.37 2.42
CA GLU A 276 6.09 -19.93 3.77
C GLU A 276 5.06 -19.06 4.36
N PRO A 277 4.30 -19.60 5.26
CA PRO A 277 3.21 -18.74 5.93
C PRO A 277 3.97 -17.52 6.47
N VAL A 278 3.37 -16.37 6.19
CA VAL A 278 3.97 -15.09 6.62
C VAL A 278 3.37 -14.69 7.92
N ILE A 279 2.24 -15.20 8.35
CA ILE A 279 1.71 -14.81 9.69
C ILE A 279 2.21 -15.78 10.72
N LYS A 280 2.90 -15.47 11.74
CA LYS A 280 3.43 -16.35 12.81
C LYS A 280 2.32 -17.12 13.50
N LYS A 281 2.39 -18.40 13.52
CA LYS A 281 1.38 -19.23 14.23
C LYS A 281 1.59 -19.13 15.73
N ARG A 282 0.47 -19.04 16.44
CA ARG A 282 0.54 -19.02 17.89
C ARG A 282 1.17 -20.26 18.46
N LYS A 283 1.85 -20.00 19.56
CA LYS A 283 2.34 -21.35 20.29
C LYS A 283 1.29 -21.49 21.34
N GLY A 284 0.14 -22.01 21.08
CA GLY A 284 -0.94 -22.06 22.10
C GLY A 284 -2.23 -21.69 21.40
N ASP A 285 -3.30 -21.53 22.08
CA ASP A 285 -4.52 -21.05 21.78
C ASP A 285 -4.75 -19.70 21.25
N ILE A 286 -6.09 -19.52 20.85
CA ILE A 286 -6.41 -18.08 20.53
C ILE A 286 -6.29 -17.32 21.91
N LYS A 287 -6.65 -18.10 22.95
CA LYS A 287 -6.69 -17.55 24.28
C LYS A 287 -5.33 -17.28 24.86
N SER A 288 -4.26 -17.77 24.30
CA SER A 288 -2.89 -17.59 24.85
C SER A 288 -2.33 -16.25 25.04
N TYR A 289 -1.45 -15.95 25.94
CA TYR A 289 -0.89 -14.55 25.98
C TYR A 289 0.42 -14.47 25.23
N GLY B 8 -35.79 12.85 8.95
CA GLY B 8 -36.08 11.33 8.80
C GLY B 8 -35.06 10.81 7.75
N TYR B 9 -34.11 11.71 7.45
CA TYR B 9 -33.07 11.19 6.46
C TYR B 9 -32.27 10.23 7.24
N SER B 10 -31.93 9.10 6.68
CA SER B 10 -31.04 8.15 7.45
C SER B 10 -29.82 8.03 6.56
N ASP B 11 -28.74 7.67 7.06
CA ASP B 11 -27.56 7.28 6.35
C ASP B 11 -27.80 6.09 5.41
N ARG B 12 -28.80 5.33 5.79
CA ARG B 12 -29.44 4.14 5.45
C ARG B 12 -30.20 4.09 4.16
N VAL B 13 -31.04 5.03 3.83
CA VAL B 13 -31.76 5.07 2.55
C VAL B 13 -31.10 6.02 1.59
N GLN B 14 -30.98 5.75 0.35
CA GLN B 14 -30.32 6.61 -0.61
C GLN B 14 -30.86 6.41 -2.00
N GLN B 15 -30.69 7.44 -2.80
CA GLN B 15 -31.10 7.39 -4.19
C GLN B 15 -29.96 7.98 -5.01
N ILE B 16 -29.49 7.31 -6.03
CA ILE B 16 -28.50 7.90 -6.94
C ILE B 16 -29.08 7.96 -8.33
N THR B 17 -29.30 9.05 -8.95
CA THR B 17 -29.87 9.14 -10.29
C THR B 17 -28.74 9.62 -11.21
N LEU B 18 -28.49 8.90 -12.20
CA LEU B 18 -27.32 9.26 -13.09
C LEU B 18 -27.77 8.85 -14.47
N GLY B 19 -27.98 9.85 -15.26
CA GLY B 19 -28.43 9.72 -16.62
C GLY B 19 -29.91 9.37 -16.55
N ASN B 20 -30.18 8.27 -17.07
CA ASN B 20 -31.59 7.78 -17.33
C ASN B 20 -31.83 6.60 -16.46
N SER B 21 -30.95 6.45 -15.45
CA SER B 21 -31.04 5.33 -14.52
C SER B 21 -30.93 5.70 -13.04
N THR B 22 -31.71 5.13 -12.18
CA THR B 22 -31.76 5.39 -10.78
C THR B 22 -31.67 4.13 -9.94
N ILE B 23 -30.99 4.20 -8.85
CA ILE B 23 -30.79 3.17 -7.84
C ILE B 23 -31.33 3.58 -6.49
N THR B 24 -32.07 2.80 -5.79
CA THR B 24 -32.53 3.16 -4.45
C THR B 24 -32.02 2.06 -3.53
N THR B 25 -31.49 2.38 -2.42
CA THR B 25 -31.15 1.45 -1.38
C THR B 25 -31.82 1.91 -0.08
N GLN B 26 -32.39 0.95 0.60
CA GLN B 26 -33.08 1.23 1.88
C GLN B 26 -32.22 0.71 3.02
N GLU B 27 -31.02 0.25 2.75
CA GLU B 27 -30.13 -0.28 3.77
C GLU B 27 -28.68 -0.09 3.53
N ALA B 28 -28.27 1.11 3.28
CA ALA B 28 -26.96 1.56 2.97
C ALA B 28 -26.14 1.75 4.24
N ALA B 29 -24.86 1.97 4.20
CA ALA B 29 -23.97 2.30 5.27
C ALA B 29 -23.07 3.43 4.75
N ASN B 30 -23.74 4.56 4.61
CA ASN B 30 -23.02 5.81 4.08
C ASN B 30 -22.43 5.47 2.71
N ALA B 31 -21.46 6.09 2.17
CA ALA B 31 -20.85 5.83 0.87
C ALA B 31 -19.43 6.39 0.97
N VAL B 32 -18.55 5.83 0.25
CA VAL B 32 -17.16 6.27 0.35
C VAL B 32 -16.86 7.04 -0.95
N VAL B 33 -16.08 8.09 -0.76
CA VAL B 33 -15.61 8.85 -1.95
C VAL B 33 -14.10 8.77 -1.91
N CYS B 34 -13.51 7.96 -2.76
CA CYS B 34 -12.08 7.73 -2.71
C CYS B 34 -11.26 8.94 -2.43
N TYR B 35 -10.43 8.89 -1.38
CA TYR B 35 -9.44 9.94 -1.11
C TYR B 35 -10.16 11.25 -0.96
N ALA B 36 -11.43 11.12 -0.60
CA ALA B 36 -12.25 12.32 -0.35
C ALA B 36 -12.32 13.21 -1.56
N GLU B 37 -12.24 12.80 -2.76
CA GLU B 37 -12.38 13.57 -3.95
C GLU B 37 -13.43 13.04 -4.88
N TRP B 38 -14.21 13.87 -5.42
CA TRP B 38 -15.37 13.52 -6.32
C TRP B 38 -14.99 13.63 -7.71
N PRO B 39 -15.45 12.82 -8.63
CA PRO B 39 -14.92 12.83 -10.05
C PRO B 39 -15.05 14.22 -10.64
N GLU B 40 -14.20 14.81 -11.37
CA GLU B 40 -14.31 16.08 -12.07
C GLU B 40 -13.65 16.03 -13.46
N TYR B 41 -14.00 16.88 -14.41
CA TYR B 41 -13.35 16.82 -15.74
C TYR B 41 -11.91 17.35 -15.64
N LEU B 42 -11.27 17.17 -16.83
CA LEU B 42 -9.84 17.49 -16.89
C LEU B 42 -9.63 18.97 -17.14
N PRO B 43 -9.08 19.65 -16.20
CA PRO B 43 -8.78 21.08 -16.31
C PRO B 43 -7.73 21.40 -17.34
N ASP B 44 -7.74 22.58 -17.94
CA ASP B 44 -6.78 22.95 -18.98
C ASP B 44 -5.35 23.01 -18.44
N VAL B 45 -5.27 23.44 -17.22
CA VAL B 45 -3.91 23.67 -16.62
C VAL B 45 -3.22 22.30 -16.56
N ASP B 46 -3.99 21.23 -16.51
CA ASP B 46 -3.46 19.88 -16.46
C ASP B 46 -3.39 19.14 -17.81
N ALA B 47 -3.96 19.69 -18.82
CA ALA B 47 -4.06 19.17 -20.15
C ALA B 47 -2.74 19.17 -20.91
N SER B 48 -2.58 18.24 -21.82
CA SER B 48 -1.44 18.12 -22.68
C SER B 48 -1.86 17.92 -24.15
N ASP B 49 -2.57 16.89 -24.42
CA ASP B 49 -3.11 16.66 -25.80
C ASP B 49 -3.91 17.89 -26.23
N VAL B 50 -3.73 18.41 -27.47
CA VAL B 50 -4.38 19.65 -27.83
C VAL B 50 -5.78 19.42 -28.32
N ASN B 51 -6.21 18.20 -28.39
CA ASN B 51 -7.54 17.90 -29.00
C ASN B 51 -8.69 18.29 -28.12
N LYS B 52 -9.69 18.84 -28.66
CA LYS B 52 -10.95 19.18 -27.84
C LYS B 52 -11.50 17.88 -27.39
N THR B 53 -11.98 17.55 -26.23
CA THR B 53 -12.46 16.17 -25.92
C THR B 53 -13.92 16.00 -26.14
N SER B 54 -14.50 14.80 -26.09
CA SER B 54 -15.96 14.59 -26.41
C SER B 54 -16.60 14.20 -25.11
N LYS B 55 -17.74 14.77 -24.78
CA LYS B 55 -18.28 14.40 -23.41
C LYS B 55 -19.69 13.95 -23.63
N PRO B 56 -19.88 12.69 -23.92
CA PRO B 56 -21.19 12.15 -24.30
C PRO B 56 -22.17 12.35 -23.18
N ASP B 57 -21.71 12.71 -21.97
CA ASP B 57 -22.68 12.98 -20.93
C ASP B 57 -23.60 11.80 -20.64
N THR B 58 -24.91 12.08 -20.68
CA THR B 58 -25.92 11.13 -20.21
C THR B 58 -25.96 9.84 -20.96
N SER B 59 -25.39 9.71 -22.08
CA SER B 59 -25.45 8.44 -22.85
C SER B 59 -24.38 7.52 -22.36
N VAL B 60 -23.33 7.93 -21.73
CA VAL B 60 -22.30 7.13 -21.17
C VAL B 60 -22.36 7.22 -19.66
N CYS B 61 -22.91 8.27 -19.09
CA CYS B 61 -22.84 8.35 -17.58
C CYS B 61 -24.07 7.86 -16.95
N ARG B 62 -24.42 6.63 -17.12
CA ARG B 62 -25.63 6.00 -16.57
C ARG B 62 -25.18 4.73 -15.89
N PHE B 63 -26.09 3.94 -15.34
CA PHE B 63 -25.67 2.74 -14.55
C PHE B 63 -25.73 1.48 -15.35
N TYR B 64 -24.63 0.79 -15.54
CA TYR B 64 -24.65 -0.57 -16.19
C TYR B 64 -24.60 -1.66 -15.12
N THR B 65 -25.56 -2.58 -15.11
CA THR B 65 -25.50 -3.70 -14.12
C THR B 65 -24.84 -4.89 -14.74
N LEU B 66 -23.63 -5.24 -14.40
CA LEU B 66 -22.97 -6.47 -14.79
C LEU B 66 -23.77 -7.73 -14.35
N ASP B 67 -23.44 -8.80 -15.07
CA ASP B 67 -24.08 -10.09 -14.70
C ASP B 67 -23.83 -10.54 -13.31
N SER B 68 -24.80 -11.21 -12.70
CA SER B 68 -24.69 -11.52 -11.25
C SER B 68 -23.81 -12.56 -10.73
N LYS B 69 -23.18 -12.57 -9.64
CA LYS B 69 -22.34 -13.67 -9.09
C LYS B 69 -23.15 -14.41 -8.00
N THR B 70 -22.65 -15.60 -7.62
CA THR B 70 -23.31 -16.40 -6.59
C THR B 70 -22.39 -16.74 -5.43
N TRP B 71 -22.72 -16.17 -4.31
CA TRP B 71 -21.88 -16.32 -3.08
C TRP B 71 -22.39 -17.63 -2.49
N THR B 72 -21.43 -18.44 -2.31
CA THR B 72 -21.69 -19.73 -1.64
C THR B 72 -20.53 -19.88 -0.63
N THR B 73 -20.82 -20.89 0.16
CA THR B 73 -19.92 -21.11 1.28
C THR B 73 -18.55 -21.39 0.84
N GLY B 74 -18.39 -21.79 -0.41
CA GLY B 74 -16.99 -21.98 -0.83
C GLY B 74 -16.36 -20.84 -1.54
N SER B 75 -17.03 -19.72 -1.69
CA SER B 75 -16.53 -18.60 -2.57
C SER B 75 -15.24 -18.04 -2.12
N LYS B 76 -14.31 -17.67 -2.95
CA LYS B 76 -13.09 -17.02 -2.48
C LYS B 76 -13.17 -15.52 -2.75
N GLY B 77 -13.80 -15.06 -3.76
CA GLY B 77 -13.90 -13.55 -3.96
C GLY B 77 -13.88 -13.29 -5.43
N TRP B 78 -14.20 -12.15 -5.96
CA TRP B 78 -14.17 -11.88 -7.44
C TRP B 78 -13.45 -10.58 -7.69
N CYS B 79 -12.95 -10.36 -8.85
CA CYS B 79 -12.19 -9.15 -9.15
C CYS B 79 -12.55 -8.66 -10.53
N TRP B 80 -12.92 -7.41 -10.67
CA TRP B 80 -13.23 -6.77 -11.97
C TRP B 80 -12.21 -5.62 -12.18
N LYS B 81 -11.90 -5.34 -13.39
CA LYS B 81 -10.98 -4.19 -13.68
C LYS B 81 -11.77 -3.12 -14.41
N LEU B 82 -11.45 -1.84 -14.22
CA LEU B 82 -12.11 -0.70 -14.90
C LEU B 82 -11.06 0.05 -15.74
N PRO B 83 -11.36 0.52 -16.95
CA PRO B 83 -12.66 0.42 -17.58
C PRO B 83 -13.04 -0.87 -18.21
N ASP B 84 -12.28 -1.93 -18.12
CA ASP B 84 -12.55 -3.21 -18.79
C ASP B 84 -13.98 -3.74 -18.61
N ALA B 85 -14.37 -3.97 -17.37
CA ALA B 85 -15.69 -4.45 -17.07
C ALA B 85 -16.70 -3.76 -17.93
N LEU B 86 -16.52 -2.54 -18.32
CA LEU B 86 -17.58 -1.87 -19.11
C LEU B 86 -17.28 -1.87 -20.60
N LYS B 87 -16.29 -2.48 -21.12
CA LYS B 87 -15.80 -2.47 -22.52
C LYS B 87 -16.89 -2.77 -23.51
N ASP B 88 -17.96 -3.38 -23.11
CA ASP B 88 -19.09 -3.68 -23.94
C ASP B 88 -20.39 -3.07 -23.56
N MET B 89 -20.46 -2.10 -22.65
CA MET B 89 -21.72 -1.55 -22.25
C MET B 89 -22.06 -0.36 -23.12
N GLY B 90 -23.08 -0.54 -23.89
CA GLY B 90 -23.77 0.53 -24.66
C GLY B 90 -22.79 1.43 -25.36
N VAL B 91 -23.10 2.72 -25.36
CA VAL B 91 -22.21 3.68 -26.05
C VAL B 91 -20.94 3.94 -25.27
N PHE B 92 -20.85 3.55 -24.00
CA PHE B 92 -19.61 3.78 -23.21
C PHE B 92 -18.52 3.01 -23.96
N GLY B 93 -18.81 1.73 -24.11
CA GLY B 93 -17.92 0.84 -24.81
C GLY B 93 -17.57 1.27 -26.20
N GLN B 94 -18.46 1.79 -26.99
CA GLN B 94 -18.11 2.11 -28.39
C GLN B 94 -17.03 3.21 -28.38
N ASN B 95 -17.33 4.22 -27.58
CA ASN B 95 -16.48 5.42 -27.42
C ASN B 95 -15.08 4.97 -27.07
N MET B 96 -15.05 3.99 -26.18
CA MET B 96 -13.84 3.40 -25.67
C MET B 96 -12.98 2.85 -26.76
N PHE B 97 -13.53 2.05 -27.67
CA PHE B 97 -12.75 1.43 -28.76
C PHE B 97 -12.42 2.38 -29.89
N PHE B 98 -13.20 3.41 -30.07
CA PHE B 98 -13.10 4.40 -31.08
C PHE B 98 -12.21 5.54 -30.68
N HIS B 99 -11.95 5.98 -29.48
CA HIS B 99 -10.98 7.08 -29.29
C HIS B 99 -9.64 6.54 -28.83
N SER B 100 -8.62 7.21 -29.16
CA SER B 100 -7.24 7.01 -28.75
C SER B 100 -7.06 7.16 -27.26
N LEU B 101 -7.75 8.02 -26.61
CA LEU B 101 -7.58 8.33 -25.17
C LEU B 101 -8.89 8.55 -24.51
N GLY B 102 -9.05 8.35 -23.25
CA GLY B 102 -10.44 8.62 -22.66
C GLY B 102 -10.12 8.78 -21.17
N ARG B 103 -11.07 9.18 -20.41
CA ARG B 103 -10.79 9.35 -18.91
C ARG B 103 -12.13 9.25 -18.23
N SER B 104 -12.18 8.70 -17.00
CA SER B 104 -13.51 8.58 -16.37
C SER B 104 -13.46 8.34 -14.89
N GLY B 105 -14.45 8.67 -14.14
CA GLY B 105 -14.56 8.34 -12.70
C GLY B 105 -15.76 7.38 -12.66
N TYR B 106 -16.14 6.79 -11.55
CA TYR B 106 -17.30 5.88 -11.56
C TYR B 106 -18.04 5.94 -10.24
N THR B 107 -19.31 5.55 -10.24
CA THR B 107 -20.00 5.25 -9.00
C THR B 107 -20.18 3.71 -9.00
N VAL B 108 -19.69 2.98 -8.06
CA VAL B 108 -19.82 1.51 -7.98
C VAL B 108 -20.85 1.18 -6.91
N HIS B 109 -21.83 0.39 -7.22
CA HIS B 109 -22.89 0.07 -6.17
C HIS B 109 -22.94 -1.43 -6.02
N VAL B 110 -22.42 -2.10 -5.06
CA VAL B 110 -22.47 -3.60 -4.93
C VAL B 110 -23.65 -3.99 -4.05
N GLN B 111 -24.47 -4.90 -4.49
CA GLN B 111 -25.71 -5.30 -3.84
C GLN B 111 -25.78 -6.76 -3.37
N CYS B 112 -26.19 -6.97 -2.13
CA CYS B 112 -26.37 -8.34 -1.65
C CYS B 112 -27.34 -8.38 -0.49
N ASN B 113 -28.56 -8.79 -0.67
CA ASN B 113 -29.52 -8.79 0.48
C ASN B 113 -29.79 -10.22 0.97
N ALA B 114 -30.17 -10.40 2.20
CA ALA B 114 -30.35 -11.72 2.82
C ALA B 114 -31.50 -11.63 3.80
N THR B 115 -31.42 -12.14 4.99
CA THR B 115 -32.54 -11.91 5.98
C THR B 115 -31.88 -11.74 7.34
N LYS B 116 -32.68 -11.47 8.39
CA LYS B 116 -32.02 -11.27 9.72
C LYS B 116 -31.58 -12.59 10.35
N PHE B 117 -31.59 -13.68 9.62
CA PHE B 117 -31.09 -14.96 10.19
C PHE B 117 -29.76 -15.30 9.52
N HIS B 118 -29.49 -14.67 8.36
CA HIS B 118 -28.17 -14.96 7.70
C HIS B 118 -27.04 -14.22 8.38
N SER B 119 -25.81 -14.58 8.15
CA SER B 119 -24.57 -13.96 8.63
C SER B 119 -23.61 -14.05 7.41
N GLY B 120 -22.64 -13.25 7.43
CA GLY B 120 -21.65 -13.26 6.27
C GLY B 120 -21.22 -11.77 6.16
N CYS B 121 -20.08 -11.51 5.65
CA CYS B 121 -19.62 -10.13 5.52
C CYS B 121 -18.70 -10.00 4.34
N LEU B 122 -18.92 -9.21 3.33
CA LEU B 122 -18.05 -9.09 2.15
C LEU B 122 -17.18 -7.84 2.29
N LEU B 123 -15.99 -7.77 1.81
CA LEU B 123 -15.18 -6.51 1.78
C LEU B 123 -15.33 -5.97 0.36
N VAL B 124 -15.69 -4.79 0.10
CA VAL B 124 -15.78 -4.21 -1.25
C VAL B 124 -14.68 -3.19 -1.36
N VAL B 125 -13.64 -3.34 -2.13
CA VAL B 125 -12.50 -2.41 -2.09
C VAL B 125 -12.10 -2.00 -3.47
N VAL B 126 -11.60 -0.79 -3.63
CA VAL B 126 -11.12 -0.31 -4.96
C VAL B 126 -9.63 -0.14 -4.89
N ILE B 127 -8.83 -0.80 -5.69
CA ILE B 127 -7.36 -0.67 -5.61
C ILE B 127 -6.79 0.07 -6.81
N PRO B 128 -6.26 1.28 -6.64
CA PRO B 128 -5.71 2.01 -7.80
C PRO B 128 -4.45 1.27 -8.19
N GLU B 129 -4.25 1.08 -9.48
CA GLU B 129 -3.16 0.38 -10.10
C GLU B 129 -2.85 -0.98 -9.58
N HIS B 130 -3.75 -1.89 -9.52
CA HIS B 130 -3.61 -3.25 -9.06
C HIS B 130 -2.84 -4.16 -10.01
N GLN B 131 -1.55 -4.10 -10.05
CA GLN B 131 -0.70 -4.92 -10.94
C GLN B 131 -0.71 -6.33 -10.37
N LEU B 132 -1.21 -7.31 -11.07
CA LEU B 132 -1.38 -8.71 -10.59
C LEU B 132 -0.06 -9.46 -10.64
N ALA B 133 0.04 -10.58 -9.99
CA ALA B 133 1.26 -11.42 -10.02
C ALA B 133 1.00 -12.68 -10.81
N SER B 134 2.03 -13.21 -11.45
CA SER B 134 1.89 -14.50 -12.19
C SER B 134 1.96 -15.59 -11.14
N HIS B 135 1.17 -16.59 -11.18
CA HIS B 135 1.33 -17.73 -10.20
C HIS B 135 2.59 -18.50 -10.52
N GLU B 136 3.17 -18.41 -11.69
CA GLU B 136 4.42 -19.08 -11.99
C GLU B 136 5.60 -18.60 -11.17
N GLY B 137 5.59 -17.44 -10.63
CA GLY B 137 6.77 -16.88 -9.90
C GLY B 137 7.76 -16.27 -10.87
N GLY B 138 8.98 -16.16 -10.43
CA GLY B 138 10.06 -15.64 -11.32
C GLY B 138 9.70 -14.38 -11.98
N ASN B 139 9.72 -14.30 -13.27
CA ASN B 139 9.32 -13.02 -13.96
C ASN B 139 8.39 -13.39 -15.09
N VAL B 140 7.60 -14.41 -14.84
CA VAL B 140 6.56 -14.84 -15.84
C VAL B 140 5.58 -13.67 -15.93
N SER B 141 5.13 -13.33 -17.12
CA SER B 141 4.16 -12.16 -17.19
C SER B 141 2.74 -12.66 -17.09
N VAL B 142 1.74 -11.84 -17.01
CA VAL B 142 0.35 -12.21 -16.98
C VAL B 142 -0.22 -11.71 -18.31
N LYS B 143 -0.57 -12.59 -19.21
CA LYS B 143 -1.03 -12.17 -20.51
C LYS B 143 -2.35 -11.33 -20.39
N TYR B 144 -2.43 -10.46 -21.36
CA TYR B 144 -3.43 -9.46 -21.65
C TYR B 144 -4.83 -9.98 -21.40
N THR B 145 -5.16 -10.93 -22.19
CA THR B 145 -6.49 -11.57 -21.99
C THR B 145 -6.73 -11.86 -20.54
N PHE B 146 -5.79 -12.38 -19.84
CA PHE B 146 -6.06 -12.68 -18.42
C PHE B 146 -6.35 -11.50 -17.57
N THR B 147 -5.93 -10.32 -17.86
CA THR B 147 -6.17 -9.16 -17.06
C THR B 147 -7.25 -8.33 -17.75
N HIS B 148 -7.96 -8.87 -18.67
CA HIS B 148 -9.05 -8.17 -19.33
C HIS B 148 -10.27 -9.07 -19.43
N PRO B 149 -10.69 -9.67 -18.32
CA PRO B 149 -11.80 -10.55 -18.27
C PRO B 149 -13.09 -9.94 -18.71
N GLY B 150 -13.20 -8.65 -18.83
CA GLY B 150 -14.52 -8.09 -19.30
C GLY B 150 -15.50 -8.23 -18.12
N GLU B 151 -16.74 -8.24 -18.48
CA GLU B 151 -17.84 -8.13 -17.46
C GLU B 151 -17.78 -9.32 -16.58
N ARG B 152 -17.23 -10.40 -17.03
CA ARG B 152 -17.14 -11.65 -16.25
C ARG B 152 -16.27 -11.48 -15.03
N GLY B 153 -15.24 -10.66 -15.14
CA GLY B 153 -14.30 -10.41 -14.02
C GLY B 153 -13.50 -11.68 -13.82
N ILE B 154 -12.70 -11.76 -12.87
CA ILE B 154 -11.85 -12.85 -12.49
C ILE B 154 -12.43 -13.54 -11.28
N ASP B 155 -12.49 -14.84 -11.22
CA ASP B 155 -13.08 -15.58 -10.10
C ASP B 155 -11.91 -16.26 -9.38
N LEU B 156 -11.68 -15.67 -8.25
CA LEU B 156 -10.58 -16.09 -7.38
C LEU B 156 -10.72 -17.51 -6.91
N SER B 157 -11.73 -18.21 -7.29
CA SER B 157 -11.80 -19.63 -6.79
C SER B 157 -11.74 -20.52 -8.03
N SER B 158 -11.48 -19.91 -9.15
CA SER B 158 -11.25 -20.64 -10.41
C SER B 158 -9.83 -21.19 -10.35
N ALA B 159 -9.45 -22.04 -11.26
CA ALA B 159 -8.09 -22.64 -11.22
C ALA B 159 -7.00 -21.81 -11.85
N ASN B 160 -5.75 -22.01 -11.38
CA ASN B 160 -4.65 -21.30 -12.08
C ASN B 160 -4.74 -21.63 -13.56
N GLU B 161 -4.50 -20.68 -14.41
CA GLU B 161 -4.44 -21.01 -15.88
C GLU B 161 -3.10 -20.51 -16.37
N VAL B 162 -2.80 -20.72 -17.64
CA VAL B 162 -1.35 -20.46 -18.02
C VAL B 162 -1.31 -19.11 -18.60
N GLY B 163 -0.55 -18.23 -17.96
CA GLY B 163 -0.45 -16.86 -18.55
C GLY B 163 -1.44 -15.96 -17.81
N GLY B 164 -2.15 -16.62 -16.93
CA GLY B 164 -3.09 -15.89 -16.05
C GLY B 164 -2.36 -15.50 -14.75
N PRO B 165 -3.08 -14.71 -13.92
CA PRO B 165 -2.58 -14.27 -12.61
C PRO B 165 -2.77 -15.35 -11.56
N VAL B 166 -2.17 -15.17 -10.43
CA VAL B 166 -2.34 -16.08 -9.25
C VAL B 166 -3.69 -15.75 -8.64
N LYS B 167 -4.40 -16.67 -7.96
CA LYS B 167 -5.76 -16.25 -7.46
C LYS B 167 -5.89 -16.47 -5.99
N ASP B 168 -4.81 -16.51 -5.30
CA ASP B 168 -4.70 -16.73 -3.85
C ASP B 168 -5.26 -15.58 -3.08
N VAL B 169 -6.33 -15.54 -2.42
CA VAL B 169 -6.86 -14.44 -1.66
C VAL B 169 -6.00 -13.92 -0.50
N LEU B 170 -5.43 -14.72 0.41
CA LEU B 170 -4.68 -14.04 1.55
C LEU B 170 -3.61 -13.15 0.91
N TYR B 171 -3.31 -13.15 -0.34
CA TYR B 171 -2.26 -12.26 -0.88
C TYR B 171 -2.69 -11.22 -1.88
N ASN B 172 -3.97 -10.85 -2.02
CA ASN B 172 -4.45 -9.81 -2.88
C ASN B 172 -3.99 -9.98 -4.32
N MET B 173 -3.59 -11.14 -4.77
CA MET B 173 -3.12 -11.30 -6.15
C MET B 173 -1.84 -10.51 -6.39
N ASN B 174 -1.12 -10.13 -5.34
CA ASN B 174 0.14 -9.42 -5.54
C ASN B 174 1.16 -9.49 -4.44
N GLY B 175 1.18 -10.32 -3.46
CA GLY B 175 2.24 -10.32 -2.51
C GLY B 175 1.97 -9.40 -1.35
N THR B 176 0.76 -9.03 -1.12
CA THR B 176 0.41 -8.21 0.12
C THR B 176 -0.67 -8.90 0.88
N LEU B 177 -0.87 -8.67 2.14
CA LEU B 177 -1.88 -9.46 2.89
C LEU B 177 -3.29 -8.92 2.85
N LEU B 178 -4.29 -9.77 2.72
CA LEU B 178 -5.71 -9.43 2.68
C LEU B 178 -6.04 -8.44 3.79
N GLY B 179 -5.64 -8.70 4.98
CA GLY B 179 -5.85 -7.81 6.10
C GLY B 179 -5.54 -6.39 5.87
N ASN B 180 -4.63 -5.96 5.03
CA ASN B 180 -4.25 -4.56 4.83
C ASN B 180 -4.89 -3.90 3.67
N LEU B 181 -5.85 -4.44 3.08
CA LEU B 181 -6.55 -3.91 1.90
C LEU B 181 -7.38 -2.74 2.40
N LEU B 182 -7.54 -2.68 3.70
CA LEU B 182 -8.35 -1.65 4.34
C LEU B 182 -7.67 -0.31 4.16
N ILE B 183 -6.35 -0.26 3.80
CA ILE B 183 -5.80 1.08 3.50
C ILE B 183 -6.41 1.62 2.20
N PHE B 184 -7.04 0.84 1.34
CA PHE B 184 -7.70 1.34 0.11
C PHE B 184 -9.15 1.72 0.38
N PRO B 185 -9.69 2.70 -0.35
CA PRO B 185 -11.13 3.10 -0.14
C PRO B 185 -11.94 1.84 -0.13
N HIS B 186 -12.70 1.57 0.86
CA HIS B 186 -13.48 0.30 0.83
C HIS B 186 -14.66 0.43 1.73
N GLN B 187 -15.50 -0.57 1.66
CA GLN B 187 -16.79 -0.51 2.57
C GLN B 187 -17.14 -1.94 2.80
N PHE B 188 -17.74 -2.41 3.86
CA PHE B 188 -18.06 -3.84 4.12
C PHE B 188 -19.53 -4.02 3.80
N ILE B 189 -20.01 -5.17 3.49
CA ILE B 189 -21.47 -5.46 3.38
C ILE B 189 -21.69 -6.52 4.49
N ASN B 190 -22.18 -6.20 5.61
CA ASN B 190 -22.34 -7.24 6.74
C ASN B 190 -23.85 -7.48 6.78
N LEU B 191 -24.25 -8.69 6.39
CA LEU B 191 -25.68 -8.99 6.20
C LEU B 191 -26.48 -8.42 7.32
N ARG B 192 -25.93 -8.45 8.51
CA ARG B 192 -26.65 -7.95 9.68
C ARG B 192 -26.81 -6.46 9.69
N THR B 193 -26.15 -5.64 8.90
CA THR B 193 -26.15 -4.22 8.94
C THR B 193 -26.66 -3.56 7.69
N ASN B 194 -25.97 -3.65 6.67
CA ASN B 194 -25.76 -3.36 5.35
C ASN B 194 -26.35 -4.20 4.29
N ASN B 195 -26.70 -3.79 3.10
CA ASN B 195 -27.15 -4.70 2.00
C ASN B 195 -26.50 -4.21 0.72
N THR B 196 -25.96 -3.01 0.71
CA THR B 196 -25.19 -2.49 -0.43
C THR B 196 -23.95 -1.81 0.09
N ALA B 197 -23.05 -1.50 -0.81
CA ALA B 197 -21.78 -0.78 -0.66
C ALA B 197 -21.72 0.19 -1.84
N THR B 198 -21.36 1.43 -1.67
CA THR B 198 -21.26 2.39 -2.77
C THR B 198 -19.95 3.15 -2.62
N ILE B 199 -19.18 3.20 -3.67
CA ILE B 199 -17.90 3.92 -3.65
C ILE B 199 -17.87 4.84 -4.84
N VAL B 200 -17.53 6.09 -4.71
CA VAL B 200 -17.39 7.04 -5.87
C VAL B 200 -15.89 7.11 -6.12
N ILE B 201 -15.47 6.86 -7.34
CA ILE B 201 -14.05 6.83 -7.73
C ILE B 201 -13.71 8.00 -8.65
N PRO B 202 -12.84 8.89 -8.19
CA PRO B 202 -12.32 9.99 -8.99
C PRO B 202 -11.30 9.40 -9.94
N TYR B 203 -10.92 9.96 -11.00
CA TYR B 203 -9.92 9.45 -11.94
C TYR B 203 -8.55 9.52 -11.35
N ILE B 204 -7.79 8.48 -11.14
CA ILE B 204 -6.46 8.53 -10.48
C ILE B 204 -5.39 8.06 -11.42
N ASN B 205 -4.52 8.83 -11.93
CA ASN B 205 -3.45 8.40 -12.87
C ASN B 205 -2.28 9.35 -12.75
N SER B 206 -1.13 9.02 -13.34
CA SER B 206 0.08 9.82 -13.33
C SER B 206 0.17 10.61 -14.65
N VAL B 207 -0.80 10.43 -15.51
CA VAL B 207 -0.94 11.21 -16.73
C VAL B 207 -2.36 11.75 -16.81
N PRO B 208 -2.56 12.85 -17.52
CA PRO B 208 -3.87 13.51 -17.52
C PRO B 208 -5.00 12.74 -18.15
N ILE B 209 -4.71 11.89 -19.07
CA ILE B 209 -5.63 11.07 -19.86
C ILE B 209 -4.73 9.92 -20.39
N ASP B 210 -5.32 8.81 -20.62
CA ASP B 210 -4.55 7.62 -20.99
C ASP B 210 -5.28 6.78 -21.98
N SER B 211 -4.77 5.63 -22.30
CA SER B 211 -5.49 4.71 -23.20
C SER B 211 -6.45 3.89 -22.41
N MET B 212 -7.65 3.63 -22.87
CA MET B 212 -8.59 2.84 -22.05
C MET B 212 -8.40 1.39 -22.25
N THR B 213 -7.65 0.97 -23.23
CA THR B 213 -7.54 -0.47 -23.49
C THR B 213 -6.25 -0.95 -23.02
N ARG B 214 -5.13 -0.29 -23.09
CA ARG B 214 -3.87 -0.96 -22.62
C ARG B 214 -3.68 -0.78 -21.15
N HIS B 215 -4.51 -0.04 -20.47
CA HIS B 215 -4.23 0.14 -19.00
C HIS B 215 -5.50 0.25 -18.18
N ASN B 216 -5.70 -0.55 -17.19
CA ASN B 216 -6.90 -0.49 -16.34
C ASN B 216 -6.44 0.33 -15.14
N ASN B 217 -7.27 1.20 -14.61
CA ASN B 217 -6.74 2.05 -13.55
C ASN B 217 -7.31 1.68 -12.23
N VAL B 218 -8.25 0.80 -12.06
CA VAL B 218 -8.66 0.35 -10.70
C VAL B 218 -9.15 -1.11 -10.86
N SER B 219 -8.99 -1.84 -9.82
CA SER B 219 -9.70 -3.20 -9.83
C SER B 219 -10.71 -3.00 -8.69
N LEU B 220 -11.89 -3.42 -8.88
CA LEU B 220 -12.94 -3.45 -7.84
C LEU B 220 -12.83 -4.87 -7.31
N MET B 221 -12.84 -5.15 -6.08
CA MET B 221 -12.71 -6.53 -5.57
C MET B 221 -13.80 -6.78 -4.56
N VAL B 222 -14.55 -7.84 -4.66
CA VAL B 222 -15.59 -8.16 -3.61
C VAL B 222 -15.07 -9.48 -3.01
N ILE B 223 -14.78 -9.55 -1.75
CA ILE B 223 -14.22 -10.76 -1.09
C ILE B 223 -14.99 -11.20 0.09
N PRO B 224 -15.56 -12.40 0.12
CA PRO B 224 -16.26 -12.85 1.39
C PRO B 224 -15.19 -12.92 2.46
N ILE B 225 -15.34 -12.44 3.63
CA ILE B 225 -14.39 -12.52 4.74
C ILE B 225 -15.04 -13.33 5.87
N ALA B 226 -16.21 -12.97 6.34
CA ALA B 226 -16.89 -13.85 7.31
C ALA B 226 -17.81 -14.65 6.31
N PRO B 227 -17.57 -15.94 6.28
CA PRO B 227 -18.28 -16.88 5.43
C PRO B 227 -19.79 -16.72 5.51
N LEU B 228 -20.42 -17.06 4.39
CA LEU B 228 -21.92 -16.94 4.36
C LEU B 228 -22.48 -18.04 5.24
N THR B 229 -23.40 -17.72 6.09
CA THR B 229 -24.05 -18.78 6.93
C THR B 229 -25.53 -18.67 6.83
N VAL B 230 -26.20 -19.57 6.11
CA VAL B 230 -27.68 -19.38 5.99
C VAL B 230 -28.43 -20.07 7.11
N PRO B 231 -29.64 -19.57 7.33
CA PRO B 231 -30.53 -20.19 8.35
C PRO B 231 -30.74 -21.63 7.93
N THR B 232 -31.16 -22.42 8.86
CA THR B 232 -31.38 -23.83 8.74
C THR B 232 -32.35 -24.20 7.64
N GLY B 233 -31.74 -25.14 6.86
CA GLY B 233 -32.51 -25.59 5.66
C GLY B 233 -32.81 -24.45 4.71
N ALA B 234 -32.00 -23.41 4.74
CA ALA B 234 -32.15 -22.34 3.74
C ALA B 234 -31.30 -22.82 2.56
N THR B 235 -31.55 -22.30 1.39
CA THR B 235 -30.60 -22.57 0.33
C THR B 235 -29.25 -21.95 0.73
N PRO B 236 -28.28 -22.68 0.52
CA PRO B 236 -26.93 -22.18 0.95
C PRO B 236 -26.34 -21.22 -0.02
N SER B 237 -27.03 -20.28 -0.59
CA SER B 237 -26.23 -19.26 -1.39
C SER B 237 -27.02 -17.99 -1.56
N LEU B 238 -26.36 -16.90 -1.90
CA LEU B 238 -27.00 -15.56 -2.18
C LEU B 238 -26.40 -15.03 -3.45
N PRO B 239 -27.08 -14.34 -4.31
CA PRO B 239 -26.43 -13.70 -5.53
C PRO B 239 -25.81 -12.41 -5.08
N ILE B 240 -24.77 -11.96 -5.67
CA ILE B 240 -24.18 -10.61 -5.41
C ILE B 240 -24.32 -9.86 -6.74
N THR B 241 -24.83 -8.68 -6.86
CA THR B 241 -24.86 -7.98 -8.16
C THR B 241 -24.00 -6.77 -8.18
N VAL B 242 -23.28 -6.47 -9.22
CA VAL B 242 -22.43 -5.21 -9.22
C VAL B 242 -23.01 -4.26 -10.25
N THR B 243 -23.44 -3.05 -9.94
CA THR B 243 -23.90 -2.05 -10.99
C THR B 243 -22.90 -0.93 -10.97
N ILE B 244 -22.35 -0.49 -12.02
CA ILE B 244 -21.33 0.58 -12.13
C ILE B 244 -21.67 1.65 -13.15
N ALA B 245 -21.47 2.93 -12.82
CA ALA B 245 -21.77 4.03 -13.78
C ALA B 245 -20.60 4.90 -14.04
N PRO B 246 -20.13 5.01 -15.25
CA PRO B 246 -19.07 5.99 -15.58
C PRO B 246 -19.63 7.37 -15.21
N MET B 247 -18.70 8.22 -14.78
CA MET B 247 -19.14 9.63 -14.41
C MET B 247 -17.97 10.54 -14.77
N CYS B 248 -18.39 11.69 -15.28
CA CYS B 248 -17.58 12.71 -15.92
C CYS B 248 -16.72 12.10 -17.04
N THR B 249 -17.15 11.26 -17.86
CA THR B 249 -16.33 10.65 -18.92
C THR B 249 -15.98 11.59 -20.01
N GLU B 250 -14.76 11.52 -20.50
CA GLU B 250 -14.29 12.35 -21.64
C GLU B 250 -13.45 11.43 -22.57
N PHE B 251 -13.68 11.60 -23.84
CA PHE B 251 -12.92 10.79 -24.82
C PHE B 251 -12.19 11.77 -25.70
N SER B 252 -11.06 11.41 -26.19
CA SER B 252 -10.29 12.30 -27.08
C SER B 252 -9.45 11.50 -28.04
N GLY B 253 -9.19 12.10 -29.21
CA GLY B 253 -8.38 11.43 -30.27
C GLY B 253 -9.16 10.33 -30.95
N ILE B 254 -10.20 10.69 -31.68
CA ILE B 254 -11.10 9.81 -32.37
C ILE B 254 -10.48 9.41 -33.72
N ARG B 255 -10.83 8.21 -34.09
CA ARG B 255 -10.28 7.61 -35.31
C ARG B 255 -10.94 6.29 -35.68
N SER B 256 -10.07 5.36 -35.99
CA SER B 256 -10.46 4.16 -36.64
C SER B 256 -10.97 3.17 -35.70
N LYS B 257 -10.76 3.02 -34.48
CA LYS B 257 -11.42 1.84 -33.75
C LYS B 257 -10.43 0.70 -33.47
N SER B 258 -9.95 0.63 -32.27
CA SER B 258 -8.94 -0.25 -31.81
C SER B 258 -9.38 -1.70 -32.02
N ILE B 259 -8.34 -2.49 -32.28
CA ILE B 259 -8.56 -4.00 -32.37
C ILE B 259 -7.77 -4.64 -31.25
N VAL B 260 -8.38 -5.34 -30.34
CA VAL B 260 -7.43 -5.77 -29.18
C VAL B 260 -7.43 -7.26 -29.17
N PRO B 261 -6.33 -7.84 -28.68
CA PRO B 261 -6.24 -9.24 -28.54
C PRO B 261 -7.51 -9.86 -27.96
N GLN B 262 -7.72 -11.02 -28.61
CA GLN B 262 -8.65 -12.09 -28.37
C GLN B 262 -10.08 -11.65 -28.54
N GLY C 1 44.04 33.21 -2.56
CA GLY C 1 43.88 31.92 -1.65
C GLY C 1 43.58 31.86 -0.21
N LEU C 2 42.35 31.62 0.30
CA LEU C 2 41.97 31.63 1.71
C LEU C 2 42.40 30.47 2.53
N PRO C 3 43.12 30.60 3.64
CA PRO C 3 43.65 29.46 4.44
C PRO C 3 42.60 28.63 5.09
N THR C 4 42.58 27.32 4.98
CA THR C 4 41.65 26.38 5.55
C THR C 4 42.39 25.28 6.31
N THR C 5 41.66 24.53 7.10
CA THR C 5 42.11 23.37 7.85
C THR C 5 41.13 22.22 7.72
N THR C 6 41.42 21.00 7.35
CA THR C 6 40.22 20.05 7.22
C THR C 6 40.04 19.30 8.47
N LEU C 7 38.80 18.99 8.87
CA LEU C 7 38.59 18.29 10.18
C LEU C 7 38.44 16.76 9.97
N PRO C 8 38.48 16.09 11.10
CA PRO C 8 38.22 14.65 11.12
C PRO C 8 36.88 14.46 10.43
N GLY C 9 36.70 13.49 9.60
CA GLY C 9 35.41 13.18 8.94
C GLY C 9 35.45 13.61 7.48
N SER C 10 36.46 14.42 7.15
CA SER C 10 36.54 14.83 5.73
C SER C 10 36.56 13.57 4.87
N GLY C 11 35.99 13.69 3.71
CA GLY C 11 35.83 12.63 2.78
C GLY C 11 34.90 11.55 3.21
N GLN C 12 34.29 11.51 4.33
CA GLN C 12 33.40 10.34 4.65
C GLN C 12 32.12 10.43 3.89
N PHE C 13 31.43 9.35 3.68
CA PHE C 13 30.05 9.32 3.07
C PHE C 13 29.06 8.81 4.15
N LEU C 14 28.20 9.63 4.63
CA LEU C 14 27.25 9.23 5.71
C LEU C 14 25.91 9.10 5.03
N THR C 15 25.26 7.96 4.94
CA THR C 15 24.07 7.85 4.08
C THR C 15 22.98 8.78 4.50
N THR C 16 23.02 9.42 5.63
CA THR C 16 22.00 10.27 6.24
C THR C 16 22.20 11.73 6.26
N ASP C 17 23.29 12.24 5.67
CA ASP C 17 23.68 13.62 5.64
C ASP C 17 22.83 14.27 4.53
N ASP C 18 22.68 15.57 4.48
CA ASP C 18 21.82 16.20 3.44
C ASP C 18 22.49 17.45 2.89
N ARG C 19 23.13 17.34 1.77
CA ARG C 19 23.88 18.47 1.20
C ARG C 19 23.55 18.69 -0.28
N GLN C 20 24.17 19.75 -0.84
CA GLN C 20 23.94 20.08 -2.26
C GLN C 20 24.89 19.30 -3.16
N SER C 21 24.59 19.07 -4.38
CA SER C 21 25.34 18.37 -5.37
C SER C 21 25.15 19.02 -6.70
N PRO C 22 26.14 18.90 -7.53
CA PRO C 22 25.94 19.40 -8.95
C PRO C 22 24.87 18.58 -9.66
N SER C 23 24.03 19.20 -10.48
CA SER C 23 23.07 18.44 -11.30
C SER C 23 23.79 17.90 -12.55
N ALA C 24 23.67 16.63 -12.85
CA ALA C 24 24.23 16.02 -14.05
C ALA C 24 23.54 16.53 -15.32
N LEU C 25 22.31 16.85 -15.31
CA LEU C 25 21.48 17.35 -16.33
C LEU C 25 21.16 18.85 -16.12
N PRO C 26 22.13 19.68 -16.42
CA PRO C 26 21.97 21.12 -16.29
C PRO C 26 20.89 21.52 -17.31
N ASN C 27 20.00 22.30 -16.78
CA ASN C 27 18.94 22.95 -17.46
C ASN C 27 17.71 22.26 -17.98
N TYR C 28 17.59 21.07 -17.59
CA TYR C 28 16.53 20.13 -17.97
C TYR C 28 15.24 20.54 -17.30
N GLU C 29 14.15 20.44 -17.92
CA GLU C 29 12.86 20.80 -17.42
C GLU C 29 11.95 19.68 -17.14
N PRO C 30 11.68 19.39 -15.87
CA PRO C 30 10.85 18.20 -15.51
C PRO C 30 9.42 18.30 -15.98
N THR C 31 8.71 17.18 -16.16
CA THR C 31 7.31 17.21 -16.56
C THR C 31 6.49 17.91 -15.51
N PRO C 32 5.52 18.70 -15.95
CA PRO C 32 4.64 19.47 -15.05
C PRO C 32 3.96 18.56 -14.07
N ARG C 33 3.62 18.97 -12.88
CA ARG C 33 2.86 18.01 -11.99
C ARG C 33 1.38 18.11 -12.35
N ILE C 34 0.58 17.09 -12.36
CA ILE C 34 -0.89 17.30 -12.58
C ILE C 34 -1.46 16.96 -11.21
N HIS C 35 -2.72 17.00 -10.99
CA HIS C 35 -3.26 16.73 -9.62
C HIS C 35 -3.51 15.27 -9.43
N ILE C 36 -3.24 14.65 -8.36
CA ILE C 36 -3.57 13.15 -8.27
C ILE C 36 -4.22 13.07 -6.92
N PRO C 37 -5.36 12.52 -6.68
CA PRO C 37 -5.93 12.40 -5.32
C PRO C 37 -5.02 11.55 -4.49
N GLY C 38 -5.07 11.53 -3.18
CA GLY C 38 -4.33 10.69 -2.33
C GLY C 38 -3.02 10.99 -1.84
N LYS C 39 -2.50 12.20 -1.81
CA LYS C 39 -1.09 12.50 -1.39
C LYS C 39 -0.90 12.18 0.06
N VAL C 40 0.24 11.55 0.36
CA VAL C 40 0.60 11.19 1.77
C VAL C 40 1.69 12.12 2.22
N HIS C 41 1.68 12.68 3.41
CA HIS C 41 2.79 13.49 3.81
C HIS C 41 3.56 12.83 4.96
N ASN C 42 2.92 12.23 5.90
CA ASN C 42 3.55 11.66 7.06
C ASN C 42 3.16 10.21 7.21
N LEU C 43 4.03 9.36 7.66
CA LEU C 43 3.57 7.95 7.88
C LEU C 43 2.54 8.01 9.03
N LEU C 44 2.54 9.09 9.79
CA LEU C 44 1.58 9.21 10.93
C LEU C 44 0.21 9.38 10.33
N GLU C 45 0.11 9.83 9.07
CA GLU C 45 -1.25 9.99 8.53
C GLU C 45 -1.88 8.64 8.30
N ILE C 46 -1.11 7.72 7.75
CA ILE C 46 -1.66 6.42 7.39
C ILE C 46 -1.81 5.46 8.53
N ILE C 47 -0.99 5.42 9.57
CA ILE C 47 -1.20 4.44 10.65
C ILE C 47 -2.46 4.73 11.45
N GLN C 48 -3.23 5.76 11.13
CA GLN C 48 -4.52 6.00 11.80
C GLN C 48 -5.65 5.34 11.05
N VAL C 49 -5.44 4.82 9.87
CA VAL C 49 -6.48 4.01 9.17
C VAL C 49 -6.46 2.62 9.79
N ASP C 50 -7.61 2.05 10.14
CA ASP C 50 -7.52 0.72 10.81
C ASP C 50 -7.48 -0.37 9.73
N THR C 51 -6.82 -1.44 10.08
CA THR C 51 -6.68 -2.66 9.28
C THR C 51 -6.92 -3.84 10.21
N LEU C 52 -7.29 -4.95 9.64
CA LEU C 52 -7.65 -6.19 10.29
C LEU C 52 -6.43 -6.86 10.92
N ILE C 53 -6.56 -7.48 12.06
CA ILE C 53 -5.55 -8.24 12.77
C ILE C 53 -5.78 -9.74 12.64
N PRO C 54 -4.82 -10.49 12.16
CA PRO C 54 -5.03 -11.97 12.08
C PRO C 54 -4.97 -12.48 13.49
N MET C 55 -5.95 -12.27 14.34
CA MET C 55 -5.95 -12.64 15.71
C MET C 55 -5.95 -14.14 15.97
N ASN C 56 -6.66 -14.86 15.15
CA ASN C 56 -6.85 -16.28 15.13
C ASN C 56 -5.69 -17.04 14.45
N ASN C 57 -4.50 -16.58 14.59
CA ASN C 57 -3.27 -17.15 14.37
C ASN C 57 -2.96 -18.64 14.51
N THR C 58 -3.79 -19.43 14.99
CA THR C 58 -3.73 -20.81 15.30
C THR C 58 -3.68 -21.68 14.11
N HIS C 59 -3.85 -21.16 12.93
CA HIS C 59 -3.72 -22.08 11.77
C HIS C 59 -2.25 -22.39 11.51
N THR C 60 -2.12 -23.23 10.50
CA THR C 60 -0.84 -23.74 10.06
C THR C 60 -0.32 -23.26 8.75
N LYS C 61 -1.12 -22.61 7.95
CA LYS C 61 -0.65 -21.97 6.69
C LYS C 61 -1.46 -20.67 6.64
N ASP C 62 -1.09 -19.58 6.05
CA ASP C 62 -1.87 -18.33 6.15
C ASP C 62 -3.26 -18.56 5.52
N GLU C 63 -4.30 -18.21 6.21
CA GLU C 63 -5.67 -18.37 5.67
C GLU C 63 -6.59 -17.27 6.12
N VAL C 64 -7.67 -17.02 5.35
CA VAL C 64 -8.61 -15.94 5.59
C VAL C 64 -9.25 -16.12 6.95
N ASN C 65 -8.95 -17.16 7.60
CA ASN C 65 -9.68 -17.65 8.74
C ASN C 65 -9.06 -17.26 10.00
N SER C 66 -7.88 -16.68 9.76
CA SER C 66 -7.09 -16.31 11.02
C SER C 66 -7.41 -14.87 11.31
N TYR C 67 -8.31 -14.31 10.45
CA TYR C 67 -8.82 -12.97 10.68
C TYR C 67 -10.12 -13.12 11.47
N LEU C 68 -10.68 -14.32 11.53
CA LEU C 68 -11.97 -14.54 12.19
C LEU C 68 -11.82 -15.05 13.61
N ILE C 69 -12.29 -14.30 14.60
CA ILE C 69 -12.35 -14.73 16.01
C ILE C 69 -13.69 -15.40 16.21
N PRO C 70 -13.74 -16.67 16.54
CA PRO C 70 -15.07 -17.35 16.62
C PRO C 70 -15.68 -17.10 17.98
N LEU C 71 -16.99 -17.19 18.02
CA LEU C 71 -17.81 -17.00 19.22
C LEU C 71 -18.74 -18.23 19.30
N ASN C 72 -18.95 -18.77 20.46
CA ASN C 72 -19.84 -19.91 20.70
C ASN C 72 -21.11 -19.56 21.35
N ALA C 73 -22.30 -19.97 20.89
CA ALA C 73 -23.57 -19.61 21.61
C ALA C 73 -23.66 -20.27 22.98
N ASN C 74 -24.45 -19.70 23.83
CA ASN C 74 -24.57 -20.16 25.17
C ASN C 74 -23.36 -20.42 25.98
N ARG C 75 -22.19 -19.93 25.82
CA ARG C 75 -21.13 -20.14 26.89
C ARG C 75 -21.25 -18.90 27.84
N GLN C 76 -20.96 -19.03 29.04
CA GLN C 76 -21.09 -18.01 30.11
C GLN C 76 -19.70 -17.73 30.64
N ASN C 77 -19.41 -16.78 31.45
CA ASN C 77 -18.14 -16.54 32.08
C ASN C 77 -16.91 -16.76 31.30
N GLU C 78 -16.75 -17.36 30.21
CA GLU C 78 -15.51 -17.80 29.52
C GLU C 78 -14.71 -16.85 28.72
N GLN C 79 -13.54 -17.20 28.19
CA GLN C 79 -12.66 -16.24 27.51
C GLN C 79 -12.64 -16.35 26.02
N VAL C 80 -12.87 -15.25 25.28
CA VAL C 80 -12.91 -15.24 23.82
C VAL C 80 -11.55 -15.22 23.17
N PHE C 81 -10.59 -14.51 23.62
CA PHE C 81 -9.24 -14.46 22.97
C PHE C 81 -8.27 -13.79 23.92
N GLY C 82 -7.00 -13.78 23.66
CA GLY C 82 -6.01 -13.13 24.58
C GLY C 82 -4.81 -12.84 23.67
N THR C 83 -4.02 -11.91 23.96
CA THR C 83 -2.81 -11.56 23.27
C THR C 83 -1.98 -10.57 24.09
N ASN C 84 -0.67 -10.60 23.94
CA ASN C 84 0.08 -9.51 24.67
C ASN C 84 0.07 -8.29 23.72
N LEU C 85 0.65 -7.19 24.15
CA LEU C 85 0.61 -6.03 23.23
C LEU C 85 2.02 -5.73 22.76
N PHE C 86 2.63 -6.66 22.09
CA PHE C 86 3.99 -6.32 21.48
C PHE C 86 3.57 -5.99 20.05
N ILE C 87 3.27 -4.71 19.81
CA ILE C 87 2.83 -4.30 18.49
C ILE C 87 3.82 -4.60 17.40
N GLY C 88 5.07 -4.88 17.72
CA GLY C 88 6.00 -5.19 16.61
C GLY C 88 6.16 -6.67 16.36
N ASP C 89 5.35 -7.51 16.90
CA ASP C 89 5.50 -8.92 16.79
C ASP C 89 4.23 -9.68 16.86
N GLY C 90 4.24 -11.01 16.64
CA GLY C 90 2.96 -11.72 16.91
C GLY C 90 1.78 -11.32 16.15
N VAL C 91 0.55 -11.25 16.64
CA VAL C 91 -0.62 -10.90 15.77
C VAL C 91 -0.43 -9.58 15.04
N PHE C 92 0.00 -8.54 15.70
CA PHE C 92 0.16 -7.19 15.21
C PHE C 92 1.11 -7.03 14.07
N LYS C 93 2.05 -7.90 14.02
CA LYS C 93 3.21 -7.74 13.12
C LYS C 93 2.95 -7.57 11.67
N THR C 94 1.92 -8.07 11.06
CA THR C 94 1.66 -8.01 9.61
C THR C 94 0.64 -6.94 9.29
N THR C 95 0.03 -6.41 10.33
CA THR C 95 -0.94 -5.32 10.14
C THR C 95 -0.17 -4.10 9.66
N LEU C 96 -0.86 -3.14 9.06
CA LEU C 96 -0.20 -1.91 8.59
C LEU C 96 0.50 -1.18 9.72
N LEU C 97 -0.14 -1.16 10.89
CA LEU C 97 0.42 -0.52 12.06
C LEU C 97 1.71 -1.26 12.43
N GLY C 98 1.57 -2.54 12.57
CA GLY C 98 2.73 -3.37 12.96
C GLY C 98 3.87 -3.20 11.98
N GLU C 99 3.50 -3.10 10.74
CA GLU C 99 4.40 -3.07 9.59
C GLU C 99 5.16 -1.79 9.53
N ILE C 100 4.58 -0.67 9.96
CA ILE C 100 5.23 0.65 9.97
C ILE C 100 6.05 0.86 11.23
N VAL C 101 5.52 0.45 12.33
CA VAL C 101 6.19 0.51 13.64
C VAL C 101 7.57 -0.11 13.54
N GLN C 102 7.66 -1.10 12.71
CA GLN C 102 8.89 -1.85 12.48
C GLN C 102 9.90 -1.02 11.74
N TYR C 103 9.53 0.08 11.10
CA TYR C 103 10.55 0.96 10.49
C TYR C 103 11.09 1.86 11.57
N TYR C 104 10.58 1.84 12.78
CA TYR C 104 11.14 2.78 13.80
C TYR C 104 11.55 2.03 15.01
N THR C 105 12.45 2.60 15.81
CA THR C 105 12.90 1.95 17.02
C THR C 105 12.06 2.11 18.25
N HIS C 106 11.45 3.23 18.47
CA HIS C 106 10.66 3.59 19.67
C HIS C 106 9.25 3.99 19.31
N TRP C 107 8.27 3.72 20.13
CA TRP C 107 6.88 4.18 19.81
C TRP C 107 6.32 4.69 21.15
N SER C 108 5.35 5.53 21.13
CA SER C 108 4.66 5.96 22.36
C SER C 108 3.26 6.35 21.91
N GLY C 109 2.22 6.32 22.74
CA GLY C 109 0.92 6.70 22.26
C GLY C 109 -0.23 5.78 22.55
N SER C 110 -1.47 6.28 22.14
CA SER C 110 -2.58 5.27 22.45
C SER C 110 -2.95 4.46 21.26
N LEU C 111 -3.43 3.25 21.41
CA LEU C 111 -3.82 2.37 20.28
C LEU C 111 -5.34 2.28 20.24
N ARG C 112 -5.85 2.07 19.03
CA ARG C 112 -7.35 1.91 19.08
C ARG C 112 -7.62 0.53 18.59
N PHE C 113 -8.23 -0.32 19.40
CA PHE C 113 -8.59 -1.73 19.06
C PHE C 113 -10.08 -1.86 18.90
N SER C 114 -10.68 -2.14 17.82
CA SER C 114 -12.14 -2.25 17.67
C SER C 114 -12.52 -3.64 17.19
N LEU C 115 -13.71 -4.07 17.42
CA LEU C 115 -14.22 -5.41 17.08
C LEU C 115 -15.50 -5.20 16.30
N MET C 116 -15.66 -5.74 15.12
CA MET C 116 -17.00 -5.52 14.42
C MET C 116 -17.73 -6.86 14.48
N TYR C 117 -18.96 -6.93 14.93
CA TYR C 117 -19.70 -8.22 15.05
C TYR C 117 -20.38 -8.57 13.74
N THR C 118 -20.33 -9.86 13.34
CA THR C 118 -20.92 -10.30 12.07
C THR C 118 -22.05 -11.32 12.20
N GLY C 119 -22.47 -11.67 13.41
CA GLY C 119 -23.58 -12.66 13.63
C GLY C 119 -24.90 -12.21 13.09
N PRO C 120 -25.85 -13.18 12.93
CA PRO C 120 -27.20 -12.77 12.44
C PRO C 120 -27.69 -11.57 13.25
N ALA C 121 -28.45 -10.74 12.54
CA ALA C 121 -29.11 -9.62 13.17
C ALA C 121 -30.03 -9.99 14.34
N LEU C 122 -30.71 -11.10 14.38
CA LEU C 122 -31.63 -11.50 15.46
C LEU C 122 -30.94 -12.18 16.63
N SER C 123 -29.60 -12.13 16.69
CA SER C 123 -28.87 -12.70 17.84
C SER C 123 -28.49 -11.58 18.79
N SER C 124 -27.87 -11.88 19.91
CA SER C 124 -27.49 -10.76 20.83
C SER C 124 -26.31 -11.20 21.64
N ALA C 125 -25.57 -10.35 22.25
CA ALA C 125 -24.38 -10.83 23.02
C ALA C 125 -23.86 -9.66 23.83
N LYS C 126 -23.19 -9.89 24.92
CA LYS C 126 -22.51 -8.86 25.71
C LYS C 126 -21.10 -9.45 26.02
N LEU C 127 -20.08 -8.75 25.55
CA LEU C 127 -18.72 -9.07 25.75
C LEU C 127 -18.03 -8.00 26.57
N ILE C 128 -16.98 -8.36 27.25
CA ILE C 128 -16.13 -7.38 28.00
C ILE C 128 -14.71 -7.38 27.40
N LEU C 129 -14.14 -6.27 27.03
CA LEU C 129 -12.76 -6.28 26.53
C LEU C 129 -11.92 -5.66 27.67
N ALA C 130 -10.78 -6.19 27.96
CA ALA C 130 -10.01 -5.65 29.09
C ALA C 130 -8.60 -5.43 28.63
N TYR C 131 -8.00 -4.31 28.99
CA TYR C 131 -6.60 -3.96 28.78
C TYR C 131 -5.91 -4.14 30.14
N THR C 132 -4.85 -4.86 30.26
CA THR C 132 -4.19 -5.06 31.60
C THR C 132 -2.85 -4.34 31.53
N PRO C 133 -2.62 -3.30 32.27
CA PRO C 133 -1.37 -2.50 32.16
C PRO C 133 -0.21 -3.30 32.71
N PRO C 134 0.95 -2.97 32.27
CA PRO C 134 2.20 -3.73 32.54
C PRO C 134 2.34 -3.98 33.98
N GLY C 135 2.85 -5.15 34.40
CA GLY C 135 3.02 -5.31 35.86
C GLY C 135 2.26 -6.45 36.42
N ALA C 136 1.20 -6.83 35.79
CA ALA C 136 0.38 -8.02 36.23
C ALA C 136 0.46 -9.07 35.15
N ARG C 137 0.03 -10.28 35.32
CA ARG C 137 0.01 -11.32 34.29
C ARG C 137 -1.20 -11.17 33.38
N GLY C 138 -1.16 -11.90 32.28
CA GLY C 138 -2.43 -11.88 31.41
C GLY C 138 -3.50 -12.42 32.39
N PRO C 139 -4.64 -11.76 32.41
CA PRO C 139 -5.73 -12.18 33.33
C PRO C 139 -6.11 -13.63 32.96
N GLN C 140 -6.46 -14.34 33.97
CA GLN C 140 -6.89 -15.69 33.92
C GLN C 140 -8.36 -15.95 34.03
N ASP C 141 -9.18 -15.05 34.34
CA ASP C 141 -10.64 -15.18 34.43
C ASP C 141 -11.14 -13.72 34.42
N ARG C 142 -12.36 -13.53 34.08
CA ARG C 142 -12.97 -12.18 33.91
C ARG C 142 -12.84 -11.41 35.19
N ARG C 143 -12.80 -12.14 36.32
CA ARG C 143 -12.84 -11.31 37.57
C ARG C 143 -11.51 -10.55 37.55
N GLU C 144 -10.54 -11.36 37.21
CA GLU C 144 -9.21 -10.75 37.19
C GLU C 144 -9.17 -9.69 36.14
N ALA C 145 -9.81 -9.98 35.00
CA ALA C 145 -9.72 -9.07 33.84
C ALA C 145 -10.45 -7.76 34.08
N MET C 146 -11.58 -7.84 34.68
CA MET C 146 -12.49 -6.68 34.86
C MET C 146 -11.89 -5.68 35.79
N LEU C 147 -10.82 -5.90 36.53
CA LEU C 147 -10.26 -4.89 37.45
C LEU C 147 -9.31 -3.89 36.77
N GLY C 148 -9.11 -3.94 35.50
CA GLY C 148 -8.21 -3.10 34.71
C GLY C 148 -9.13 -2.46 33.66
N THR C 149 -8.51 -1.79 32.70
CA THR C 149 -9.21 -1.02 31.66
C THR C 149 -10.15 -1.93 30.94
N HIS C 150 -11.41 -1.60 30.89
CA HIS C 150 -12.34 -2.58 30.21
C HIS C 150 -13.52 -1.85 29.66
N VAL C 151 -14.31 -2.37 28.76
CA VAL C 151 -15.51 -1.81 28.17
C VAL C 151 -16.57 -2.93 28.08
N VAL C 152 -17.73 -2.82 28.67
CA VAL C 152 -18.75 -3.89 28.39
C VAL C 152 -19.34 -3.53 27.04
N TRP C 153 -19.25 -4.36 26.07
CA TRP C 153 -19.76 -4.07 24.71
C TRP C 153 -21.14 -4.63 24.52
N ASP C 154 -22.15 -3.93 24.13
CA ASP C 154 -23.50 -4.60 24.02
C ASP C 154 -23.71 -4.70 22.52
N ILE C 155 -23.85 -5.85 21.98
CA ILE C 155 -23.96 -6.05 20.47
C ILE C 155 -25.29 -5.57 20.05
N GLY C 156 -25.29 -4.58 19.13
CA GLY C 156 -26.57 -4.01 18.72
C GLY C 156 -26.53 -3.62 17.25
N LEU C 157 -27.36 -2.64 17.02
CA LEU C 157 -27.52 -2.05 15.70
C LEU C 157 -26.19 -1.51 15.23
N GLN C 158 -25.59 -0.76 16.05
CA GLN C 158 -24.19 -0.29 15.95
C GLN C 158 -23.30 -1.51 16.12
N SER C 159 -22.68 -1.82 14.96
CA SER C 159 -21.96 -3.08 14.79
C SER C 159 -20.60 -3.16 15.39
N THR C 160 -19.83 -2.08 15.47
CA THR C 160 -18.47 -2.05 15.99
C THR C 160 -18.32 -1.36 17.30
N ILE C 161 -17.38 -1.71 18.11
CA ILE C 161 -17.00 -1.17 19.36
C ILE C 161 -15.51 -0.80 19.25
N VAL C 162 -15.15 0.35 19.66
CA VAL C 162 -13.81 0.86 19.62
C VAL C 162 -13.23 0.97 21.00
N MET C 163 -12.34 0.12 21.37
CA MET C 163 -11.66 0.15 22.65
C MET C 163 -10.36 0.92 22.46
N THR C 164 -9.98 1.72 23.35
CA THR C 164 -8.65 2.47 23.24
C THR C 164 -7.71 1.90 24.20
N ILE C 165 -6.50 1.59 23.90
CA ILE C 165 -5.53 1.13 25.01
C ILE C 165 -4.83 2.40 25.40
N PRO C 166 -5.30 3.11 26.39
CA PRO C 166 -4.65 4.41 26.74
C PRO C 166 -3.22 4.22 27.09
N TRP C 167 -2.33 5.13 26.73
CA TRP C 167 -0.90 5.02 27.07
C TRP C 167 -0.69 5.01 28.61
N THR C 168 -0.42 3.83 29.14
CA THR C 168 -0.06 3.65 30.54
C THR C 168 1.40 3.32 30.67
N SER C 169 2.22 4.27 31.13
CA SER C 169 3.65 4.01 31.14
C SER C 169 4.44 4.88 32.04
N GLY C 170 5.51 4.32 32.59
CA GLY C 170 6.45 5.10 33.44
C GLY C 170 7.30 5.89 32.37
N VAL C 171 8.18 5.17 31.73
CA VAL C 171 9.08 5.56 30.66
C VAL C 171 8.20 6.08 29.52
N GLN C 172 8.60 7.16 28.91
CA GLN C 172 7.77 7.77 27.83
C GLN C 172 7.91 7.16 26.51
N PHE C 173 8.77 6.23 26.28
CA PHE C 173 8.85 5.50 24.98
C PHE C 173 9.10 4.04 25.30
N ARG C 174 8.64 3.22 24.45
CA ARG C 174 8.84 1.75 24.51
C ARG C 174 9.54 1.36 23.24
N TYR C 175 10.17 0.23 23.29
CA TYR C 175 10.80 -0.34 22.05
C TYR C 175 9.79 -1.02 21.15
N THR C 176 9.87 -0.90 19.81
CA THR C 176 8.90 -1.63 18.96
C THR C 176 9.26 -3.11 18.94
N ASP C 177 10.50 -3.41 18.96
CA ASP C 177 10.94 -4.87 19.04
C ASP C 177 10.71 -5.27 20.46
N PRO C 178 10.16 -6.42 20.73
CA PRO C 178 9.65 -6.73 22.11
C PRO C 178 10.78 -6.68 23.08
N ASP C 179 10.48 -5.97 24.15
CA ASP C 179 11.45 -5.81 25.28
C ASP C 179 10.71 -5.81 26.60
N THR C 180 11.29 -6.37 27.64
CA THR C 180 10.60 -6.55 28.90
C THR C 180 10.29 -5.29 29.67
N TYR C 181 11.34 -4.55 29.92
CA TYR C 181 11.27 -3.39 30.81
C TYR C 181 10.16 -2.47 30.27
N THR C 182 10.25 -2.35 28.96
CA THR C 182 9.42 -1.63 28.05
C THR C 182 8.17 -2.33 27.65
N SER C 183 7.64 -3.29 28.39
CA SER C 183 6.48 -4.06 27.82
C SER C 183 5.17 -3.41 28.03
N ALA C 184 4.12 -3.55 27.22
CA ALA C 184 2.91 -2.83 27.39
C ALA C 184 1.70 -3.42 27.97
N GLY C 185 1.63 -4.66 28.39
CA GLY C 185 0.37 -5.25 28.92
C GLY C 185 -0.23 -6.37 28.09
N PHE C 186 -1.48 -6.67 28.34
CA PHE C 186 -2.22 -7.68 27.71
C PHE C 186 -3.60 -7.16 27.35
N LEU C 187 -4.17 -7.86 26.40
CA LEU C 187 -5.58 -7.48 25.98
C LEU C 187 -6.40 -8.73 26.04
N SER C 188 -7.48 -8.88 26.73
CA SER C 188 -8.26 -10.14 26.72
C SER C 188 -9.71 -9.81 26.45
N CYS C 189 -10.57 -10.78 26.20
CA CYS C 189 -12.03 -10.51 25.92
C CYS C 189 -12.80 -11.72 26.46
N TRP C 190 -13.91 -11.57 27.15
CA TRP C 190 -14.67 -12.65 27.79
C TRP C 190 -16.12 -12.48 27.56
N TYR C 191 -16.94 -13.48 27.68
CA TYR C 191 -18.42 -13.29 27.60
C TYR C 191 -18.87 -12.53 28.83
N GLN C 192 -19.70 -11.52 28.69
CA GLN C 192 -20.16 -10.71 29.85
C GLN C 192 -21.48 -11.36 30.30
N THR C 193 -22.24 -11.70 29.30
CA THR C 193 -23.43 -12.54 29.55
C THR C 193 -23.21 -13.72 28.59
N SER C 194 -23.55 -13.61 27.34
CA SER C 194 -23.24 -14.79 26.45
C SER C 194 -23.83 -14.59 25.12
N LEU C 195 -23.38 -15.23 24.03
CA LEU C 195 -23.99 -15.00 22.69
C LEU C 195 -25.29 -15.81 22.62
N ILE C 196 -26.34 -15.34 22.05
CA ILE C 196 -27.63 -16.12 21.99
C ILE C 196 -28.11 -16.17 20.58
N LEU C 197 -28.28 -17.27 19.89
CA LEU C 197 -28.66 -17.17 18.42
C LEU C 197 -30.16 -17.28 18.32
N PRO C 198 -30.77 -16.71 17.30
CA PRO C 198 -32.24 -16.89 17.14
C PRO C 198 -32.50 -18.29 16.69
N PRO C 199 -33.74 -18.72 16.76
CA PRO C 199 -34.19 -19.99 16.22
C PRO C 199 -33.76 -20.16 14.77
N GLU C 200 -33.70 -21.40 14.33
CA GLU C 200 -33.45 -21.71 12.91
C GLU C 200 -32.05 -21.33 12.56
N THR C 201 -31.24 -21.06 13.53
CA THR C 201 -29.85 -20.60 13.28
C THR C 201 -28.87 -21.43 13.98
N THR C 202 -27.67 -21.57 13.42
CA THR C 202 -26.71 -22.43 14.19
C THR C 202 -25.26 -22.27 13.94
N GLY C 203 -24.49 -22.79 14.93
CA GLY C 203 -23.04 -22.69 14.72
C GLY C 203 -22.32 -21.53 15.30
N GLN C 204 -21.13 -21.26 14.75
CA GLN C 204 -20.25 -20.20 15.26
C GLN C 204 -20.53 -18.87 14.57
N VAL C 205 -20.33 -17.82 15.29
CA VAL C 205 -20.45 -16.45 14.61
C VAL C 205 -19.05 -15.89 14.75
N TYR C 206 -18.62 -14.93 13.92
CA TYR C 206 -17.27 -14.40 14.13
C TYR C 206 -17.22 -12.93 14.33
N LEU C 207 -16.23 -12.45 15.02
CA LEU C 207 -15.92 -11.03 15.18
C LEU C 207 -14.71 -10.75 14.22
N LEU C 208 -14.67 -9.64 13.56
CA LEU C 208 -13.49 -9.16 12.86
C LEU C 208 -12.80 -8.18 13.81
N SER C 209 -11.50 -8.12 13.85
CA SER C 209 -10.90 -7.10 14.81
C SER C 209 -9.94 -6.20 14.08
N PHE C 210 -9.92 -4.89 14.34
CA PHE C 210 -8.98 -3.99 13.64
C PHE C 210 -7.99 -3.36 14.59
N ILE C 211 -6.88 -2.80 14.13
CA ILE C 211 -5.98 -1.97 14.94
C ILE C 211 -5.51 -0.75 14.11
N SER C 212 -5.47 0.37 14.72
CA SER C 212 -4.96 1.65 14.24
C SER C 212 -4.44 2.48 15.41
N ALA C 213 -3.64 3.49 15.19
CA ALA C 213 -3.06 4.30 16.24
C ALA C 213 -3.84 5.54 16.53
N CYS C 214 -3.93 5.99 17.73
CA CYS C 214 -4.62 7.29 18.07
C CYS C 214 -3.74 8.42 17.60
N PRO C 215 -4.28 9.63 17.63
CA PRO C 215 -3.58 10.81 17.13
C PRO C 215 -2.48 11.22 18.07
N ASP C 216 -2.27 10.70 19.17
CA ASP C 216 -1.50 10.62 20.33
C ASP C 216 -0.12 10.12 20.07
N PHE C 217 -0.05 9.19 19.12
CA PHE C 217 1.06 8.34 18.74
C PHE C 217 2.33 9.00 18.30
N LYS C 218 3.46 8.53 18.66
CA LYS C 218 4.78 9.00 18.23
C LYS C 218 5.63 7.80 17.88
N LEU C 219 6.43 7.86 16.90
CA LEU C 219 7.34 6.81 16.40
C LEU C 219 8.67 7.58 16.18
N ARG C 220 9.78 7.07 16.49
CA ARG C 220 11.05 7.75 16.26
C ARG C 220 12.20 6.79 16.12
N LEU C 221 13.33 7.30 15.59
CA LEU C 221 14.56 6.65 15.32
C LEU C 221 14.40 5.49 14.29
N MET C 222 14.41 5.95 13.07
CA MET C 222 14.20 5.00 11.93
C MET C 222 15.32 3.98 11.84
N LYS C 223 14.94 2.83 11.42
CA LYS C 223 15.83 1.70 11.20
C LYS C 223 15.20 0.75 10.17
N ASP C 224 15.91 -0.31 9.93
CA ASP C 224 15.59 -1.32 8.91
C ASP C 224 14.64 -2.37 9.44
N THR C 225 13.76 -2.89 8.61
CA THR C 225 12.69 -3.79 9.07
C THR C 225 13.19 -5.23 8.96
N GLN C 226 12.82 -6.02 9.94
CA GLN C 226 13.11 -7.44 9.91
C GLN C 226 12.12 -8.06 8.92
N THR C 227 11.16 -7.33 8.44
CA THR C 227 10.18 -7.95 7.58
C THR C 227 10.53 -8.14 6.17
N ILE C 228 11.72 -7.98 5.71
CA ILE C 228 12.09 -8.18 4.30
C ILE C 228 13.57 -8.34 4.10
N SER C 229 13.93 -9.33 3.29
CA SER C 229 15.40 -9.61 3.11
C SER C 229 15.61 -10.26 1.75
N GLN C 230 16.83 -10.64 1.45
CA GLN C 230 17.02 -11.18 0.08
C GLN C 230 18.35 -11.85 0.06
N THR C 231 18.56 -12.76 -0.92
CA THR C 231 19.86 -13.41 -1.00
C THR C 231 20.55 -13.04 -2.28
N VAL C 232 19.91 -12.77 -3.36
CA VAL C 232 20.78 -12.27 -4.54
C VAL C 232 20.04 -11.12 -5.13
N ALA C 233 20.78 -10.26 -5.86
CA ALA C 233 19.99 -9.08 -6.40
C ALA C 233 18.95 -9.61 -7.37
N LEU C 234 17.80 -8.99 -7.43
CA LEU C 234 16.80 -9.41 -8.45
C LEU C 234 17.26 -8.86 -9.79
N THR C 235 16.70 -9.42 -10.84
CA THR C 235 16.91 -8.92 -12.23
C THR C 235 15.58 -8.87 -12.97
N GLU C 236 15.62 -8.38 -14.22
CA GLU C 236 14.33 -8.21 -14.97
C GLU C 236 13.97 -9.56 -15.56
N ILE D 29 22.39 29.00 1.59
CA ILE D 29 23.00 29.39 0.29
C ILE D 29 23.09 28.34 -0.80
N ASN D 30 22.40 28.50 -1.90
CA ASN D 30 22.54 27.41 -2.92
C ASN D 30 23.80 27.70 -3.68
N TYR D 31 24.71 26.78 -3.86
CA TYR D 31 25.91 27.06 -4.70
C TYR D 31 25.72 26.74 -6.17
N TYR D 32 24.64 26.06 -6.42
CA TYR D 32 24.34 25.51 -7.75
C TYR D 32 23.07 26.09 -8.33
N LYS D 33 23.04 26.07 -9.67
CA LYS D 33 21.99 26.70 -10.41
C LYS D 33 20.69 25.99 -10.51
N ASP D 34 20.69 24.67 -10.55
CA ASP D 34 19.49 23.88 -10.79
C ASP D 34 18.80 23.52 -9.54
N ALA D 35 17.46 23.32 -9.55
CA ALA D 35 16.77 23.03 -8.28
C ALA D 35 17.03 21.63 -7.79
N ALA D 36 17.45 20.74 -8.66
CA ALA D 36 17.56 19.34 -8.22
C ALA D 36 18.76 19.28 -7.34
N SER D 37 19.48 20.41 -7.37
CA SER D 37 20.82 20.15 -6.70
C SER D 37 20.77 20.57 -5.31
N THR D 38 19.64 21.07 -4.86
CA THR D 38 19.48 21.56 -3.46
C THR D 38 19.25 20.41 -2.52
N SER D 39 19.41 20.68 -1.24
CA SER D 39 19.33 19.57 -0.25
C SER D 39 17.85 19.27 -0.02
N SER D 40 17.70 18.32 0.89
CA SER D 40 16.37 17.69 1.17
C SER D 40 15.36 18.79 1.48
N ALA D 41 14.09 18.46 1.28
CA ALA D 41 13.05 19.42 1.44
C ALA D 41 12.61 19.91 2.76
N GLY D 42 12.70 19.54 3.98
CA GLY D 42 11.85 20.49 5.00
C GLY D 42 10.50 19.82 5.16
N GLN D 43 9.96 19.89 6.43
CA GLN D 43 8.80 19.02 6.80
C GLN D 43 7.44 19.63 6.45
N SER D 44 6.81 18.75 5.60
CA SER D 44 5.51 19.03 5.08
C SER D 44 4.72 19.85 6.13
N LEU D 45 4.88 19.13 7.27
CA LEU D 45 4.04 19.80 8.39
C LEU D 45 2.65 20.07 7.74
N SER D 46 2.29 18.97 6.83
CA SER D 46 0.92 19.13 6.28
C SER D 46 -0.02 18.29 7.12
N MET D 47 0.00 16.98 6.97
CA MET D 47 -0.77 16.11 7.87
C MET D 47 -2.25 16.23 7.96
N ASP D 48 -2.99 15.44 7.20
CA ASP D 48 -4.42 15.40 7.21
C ASP D 48 -4.93 14.01 6.83
N PRO D 49 -5.11 13.23 7.85
CA PRO D 49 -5.47 11.82 7.64
C PRO D 49 -6.87 11.71 7.16
N SER D 50 -7.68 12.65 7.16
CA SER D 50 -9.09 12.41 6.81
C SER D 50 -9.21 11.91 5.41
N LYS D 51 -8.40 12.16 4.46
CA LYS D 51 -8.69 11.55 3.13
C LYS D 51 -8.65 10.03 3.21
N PHE D 52 -7.89 9.48 4.12
CA PHE D 52 -7.70 8.06 4.36
C PHE D 52 -8.61 7.57 5.46
N THR D 53 -8.80 8.27 6.54
CA THR D 53 -9.59 7.73 7.66
C THR D 53 -11.06 8.01 7.63
N GLU D 54 -11.55 8.97 6.93
CA GLU D 54 -12.93 9.33 6.84
C GLU D 54 -13.34 9.79 5.47
N PRO D 55 -13.16 8.93 4.46
CA PRO D 55 -13.59 9.32 3.12
C PRO D 55 -15.07 9.06 2.97
N VAL D 56 -15.94 9.30 3.97
CA VAL D 56 -17.37 9.02 3.75
C VAL D 56 -18.07 10.20 3.12
N LYS D 57 -19.12 9.98 2.38
CA LYS D 57 -19.82 11.00 1.64
C LYS D 57 -20.61 11.82 2.64
N ASP D 58 -21.42 11.34 3.49
CA ASP D 58 -22.13 12.11 4.49
C ASP D 58 -21.30 11.94 5.81
N LEU D 59 -20.95 13.09 6.31
CA LEU D 59 -20.17 13.36 7.46
C LEU D 59 -20.67 12.61 8.71
N MET D 60 -19.75 12.02 9.38
CA MET D 60 -20.11 11.24 10.58
C MET D 60 -19.67 11.99 11.80
N LEU D 61 -20.55 12.30 12.77
CA LEU D 61 -20.05 12.93 14.01
C LEU D 61 -19.83 12.00 15.15
N LYS D 62 -18.66 12.05 15.72
CA LYS D 62 -18.36 11.04 16.84
C LYS D 62 -19.34 11.14 17.95
N GLY D 63 -20.11 10.11 18.31
CA GLY D 63 -21.02 10.42 19.52
C GLY D 63 -22.41 10.36 18.99
N ALA D 64 -22.60 10.83 17.80
CA ALA D 64 -23.91 10.60 17.15
C ALA D 64 -23.88 9.14 16.67
N PRO D 65 -25.03 8.54 16.55
CA PRO D 65 -25.17 7.18 16.03
C PRO D 65 -24.53 7.06 14.63
N ALA D 66 -23.86 5.98 14.40
CA ALA D 66 -23.28 5.66 13.09
C ALA D 66 -24.34 5.53 12.03
N LEU D 67 -25.34 4.73 12.32
CA LEU D 67 -26.41 4.52 11.29
C LEU D 67 -27.71 4.95 11.97
N ASN D 68 -28.36 5.85 11.36
CA ASN D 68 -29.59 6.54 11.74
C ASN D 68 -30.70 5.86 10.92
C1 SD8 E . 17.38 7.79 -12.31
C2 SD8 E . 16.93 8.59 -13.54
C3 SD8 E . 19.54 8.80 -14.10
C4 SD8 E . 20.88 9.15 -14.77
C5 SD8 E . 22.06 8.74 -14.20
C6 SD8 E . 22.08 8.02 -13.02
C7 SD8 E . 20.94 7.65 -12.32
C8 SD8 E . 19.68 7.94 -12.82
C9 SD8 E . 15.13 7.91 -10.93
C10 SD8 E . 13.85 7.05 -11.17
C11 SD8 E . 15.28 4.95 -10.99
C12 SD8 E . 16.51 5.87 -10.74
C13 SD8 E . 12.89 5.00 -10.14
C14 SD8 E . 10.79 4.24 -9.17
C15 SD8 E . 11.64 3.24 -9.38
C16 SD8 E . 11.40 1.75 -9.07
C17 SD8 E . 9.75 0.16 -8.14
C18 SD8 E . 9.66 0.04 -6.62
N1 SD8 E . 18.65 7.61 -12.09
N2 SD8 E . 16.40 7.22 -11.38
N3 SD8 E . 13.97 5.64 -10.67
N4 SD8 E . 12.78 3.68 -10.11
O1 SD8 E . 12.24 0.87 -9.29
O2 SD8 E . 10.14 1.52 -8.51
S1 SD8 E . 17.98 9.28 -14.75
S2 SD8 E . 11.52 5.74 -9.68
#